data_2BFD
#
_entry.id   2BFD
#
_cell.length_a   144.839
_cell.length_b   144.839
_cell.length_c   69.247
_cell.angle_alpha   90.00
_cell.angle_beta   90.00
_cell.angle_gamma   120.00
#
_symmetry.space_group_name_H-M   'P 31 2 1'
#
loop_
_entity.id
_entity.type
_entity.pdbx_description
1 polymer '2-OXOISOVALERATE DEHYDROGENASE ALPHA SUBUNIT'
2 polymer '2-OXOISOVALERATE DEHYDROGENASE BETA SUBUNIT'
3 non-polymer 'POTASSIUM ION'
4 non-polymer 'MANGANESE (II) ION'
5 non-polymer 'CHLORIDE ION'
6 non-polymer 'THIAMINE DIPHOSPHATE'
7 non-polymer GLYCEROL
8 non-polymer (4S)-2-METHYL-2,4-PENTANEDIOL
9 water water
#
loop_
_entity_poly.entity_id
_entity_poly.type
_entity_poly.pdbx_seq_one_letter_code
_entity_poly.pdbx_strand_id
1 'polypeptide(L)'
;SSLDDKPQFPGASAEFIDKLEFIQPNVISGIPIYRVMDRQGQIINPSEDPHLPKEKVLKLYKSMTLLNTMDRILYESQRQ
GRISFYMTNYGEEGTHVGSAAALDNTDLVFGQAREAGVLMYRDYPLELFMAQCYGNISDLGKGRQMPVHYGCKERHFVTI
SSPLATQIPQAVGAAYAAKRANANRVVICYFGEGAASEGDAHAGFNFAATLECPIIFFCRNNGYAISTPTSEQYRGDGIA
ARGPGYGIMSIRVDGNDVFAVYNATKEARRRAVAENQPFLIEAMTYRIGHASTSDDSSAFRSVDEVNYWDKQDHPISRLR
HYLLSQGWWDEEQEKAWRKQSRRKVMEAFEQAERKPKPNPNLLFSDVYQEMPAQLRKQQESLARHLQTYGEHYPLDHFDK
;
A
2 'polypeptide(L)'
;VAHFTFQPDPEPREYGQTQKMNLFQSVTSALDNSLAKDPTAVIFGEDVAFGGVFRCTVGLRDKYGKDRVFNTPLCEQGIV
GFGIGIAVTGATAIAEIQFADYIFPAFDQIVNEAAKYRYRSGDLFNCGSLTIRSPWGCVGHGALYHSQSPEAFFAHCPGI
KVVIPRSPFQAKGLLLSCIEDKNPCIFFEPKILYRAAAEEVPIEPYNIPLSQAEVIQEGSDVTLVAWGTQVHVIREVASM
AKEKLGVSCEVIDLRTIIPWDVDTICKSVIKTGRLLISHEAPLTGGFASEISSTVQEECFLNLEAPISRVCGYDTPFPHI
FEPFYIPDKWKCYDALRKMINY
;
B
#
loop_
_chem_comp.id
_chem_comp.type
_chem_comp.name
_chem_comp.formula
CL non-polymer 'CHLORIDE ION' 'Cl -1'
GOL non-polymer GLYCEROL 'C3 H8 O3'
K non-polymer 'POTASSIUM ION' 'K 1'
MN non-polymer 'MANGANESE (II) ION' 'Mn 2'
MPD non-polymer (4S)-2-METHYL-2,4-PENTANEDIOL 'C6 H14 O2'
TPP non-polymer 'THIAMINE DIPHOSPHATE' 'C12 H19 N4 O7 P2 S 1'
#
# COMPACT_ATOMS: atom_id res chain seq x y z
N LYS A 6 30.64 -31.36 6.12
CA LYS A 6 31.69 -31.44 5.04
C LYS A 6 31.70 -30.24 4.06
N PRO A 7 30.61 -29.97 3.32
CA PRO A 7 30.55 -28.73 2.54
C PRO A 7 30.55 -27.56 3.48
N GLN A 8 31.19 -26.47 3.08
CA GLN A 8 31.28 -25.31 3.97
C GLN A 8 30.60 -24.06 3.40
N PHE A 9 29.61 -24.25 2.54
CA PHE A 9 28.98 -23.12 1.90
C PHE A 9 27.96 -22.47 2.80
N PRO A 10 28.06 -21.16 2.86
CA PRO A 10 27.17 -20.35 3.71
C PRO A 10 25.69 -20.49 3.34
N GLY A 11 25.40 -20.71 2.06
CA GLY A 11 23.99 -20.63 1.62
C GLY A 11 23.11 -21.84 1.95
N ALA A 12 23.70 -22.96 2.35
CA ALA A 12 22.88 -24.14 2.62
C ALA A 12 23.58 -25.07 3.55
N SER A 13 22.79 -25.84 4.29
CA SER A 13 23.33 -26.83 5.23
C SER A 13 23.02 -28.18 4.58
N ALA A 14 24.05 -28.90 4.16
CA ALA A 14 23.84 -30.12 3.43
C ALA A 14 25.11 -30.91 3.36
N GLU A 15 25.00 -32.18 2.96
CA GLU A 15 26.15 -33.04 2.78
C GLU A 15 26.53 -33.02 1.31
N PHE A 16 27.70 -33.58 0.95
CA PHE A 16 27.96 -33.88 -0.46
C PHE A 16 27.22 -35.14 -0.95
N ILE A 17 27.00 -35.19 -2.25
CA ILE A 17 26.55 -36.43 -2.88
C ILE A 17 27.44 -36.63 -4.08
N ASP A 18 27.80 -37.90 -4.31
CA ASP A 18 28.74 -38.20 -5.40
C ASP A 18 28.05 -38.79 -6.66
N LYS A 19 26.73 -38.70 -6.78
CA LYS A 19 26.01 -39.12 -7.95
C LYS A 19 25.05 -38.03 -8.34
N LEU A 20 24.88 -37.87 -9.64
CA LEU A 20 24.01 -36.81 -10.16
C LEU A 20 22.56 -37.31 -10.03
N GLU A 21 21.74 -36.58 -9.28
CA GLU A 21 20.36 -36.95 -9.06
C GLU A 21 19.55 -35.66 -8.95
N PHE A 22 18.66 -35.44 -9.90
CA PHE A 22 17.75 -34.31 -9.80
C PHE A 22 16.69 -34.63 -8.78
N ILE A 23 16.23 -33.66 -8.06
CA ILE A 23 15.17 -33.81 -7.05
C ILE A 23 13.89 -33.61 -7.81
N GLN A 24 12.99 -34.60 -7.68
CA GLN A 24 11.73 -34.58 -8.37
C GLN A 24 10.62 -34.08 -7.41
N PRO A 25 9.71 -33.31 -7.93
CA PRO A 25 8.52 -32.87 -7.20
C PRO A 25 7.59 -34.04 -6.94
N ASN A 26 6.93 -34.09 -5.78
CA ASN A 26 5.87 -35.09 -5.51
C ASN A 26 4.48 -34.44 -5.76
N VAL A 27 3.97 -34.52 -6.98
CA VAL A 27 2.73 -33.83 -7.27
C VAL A 27 1.51 -34.77 -7.30
N ILE A 28 1.72 -35.99 -7.79
CA ILE A 28 0.62 -36.93 -7.90
C ILE A 28 0.14 -37.43 -6.53
N SER A 29 1.06 -37.54 -5.57
CA SER A 29 0.73 -37.84 -4.20
C SER A 29 1.16 -36.66 -3.36
N GLY A 30 0.30 -35.66 -3.35
CA GLY A 30 0.68 -34.45 -2.72
C GLY A 30 0.42 -34.45 -1.25
N ILE A 31 0.57 -33.27 -0.71
CA ILE A 31 0.36 -33.09 0.71
C ILE A 31 -1.10 -33.46 0.97
N PRO A 32 -1.36 -34.32 1.96
CA PRO A 32 -2.74 -34.79 2.12
C PRO A 32 -3.66 -33.69 2.70
N ILE A 33 -4.96 -33.96 2.57
CA ILE A 33 -5.96 -32.94 2.94
C ILE A 33 -6.54 -33.32 4.32
N TYR A 34 -6.27 -32.45 5.32
CA TYR A 34 -6.78 -32.73 6.67
C TYR A 34 -8.26 -32.56 6.71
N ARG A 35 -8.90 -33.58 7.30
N ARG A 35 -8.96 -33.56 7.24
CA ARG A 35 -10.33 -33.65 7.48
CA ARG A 35 -10.40 -33.43 7.42
C ARG A 35 -10.63 -34.04 8.91
C ARG A 35 -10.80 -34.11 8.71
N VAL A 36 -11.73 -33.46 9.41
CA VAL A 36 -12.27 -33.84 10.73
C VAL A 36 -13.62 -34.51 10.63
N MET A 37 -14.49 -33.98 9.77
CA MET A 37 -15.78 -34.63 9.63
C MET A 37 -16.05 -35.02 8.18
N ASP A 38 -16.77 -36.15 8.02
CA ASP A 38 -17.06 -36.66 6.69
C ASP A 38 -18.27 -35.95 6.15
N ARG A 39 -18.70 -36.31 4.93
CA ARG A 39 -19.76 -35.57 4.25
C ARG A 39 -21.09 -35.73 4.96
N GLN A 40 -21.20 -36.76 5.80
CA GLN A 40 -22.42 -36.97 6.58
C GLN A 40 -22.32 -36.28 7.92
N GLY A 41 -21.29 -35.42 8.11
CA GLY A 41 -21.24 -34.74 9.38
C GLY A 41 -20.70 -35.55 10.52
N GLN A 42 -20.07 -36.68 10.22
CA GLN A 42 -19.57 -37.51 11.27
C GLN A 42 -18.10 -37.24 11.55
N ILE A 43 -17.72 -37.22 12.82
CA ILE A 43 -16.34 -37.06 13.21
C ILE A 43 -15.57 -38.31 12.93
N ILE A 44 -14.47 -38.17 12.24
CA ILE A 44 -13.72 -39.32 11.73
C ILE A 44 -12.73 -39.87 12.73
N ASN A 45 -12.08 -39.00 13.50
CA ASN A 45 -11.04 -39.39 14.42
C ASN A 45 -11.30 -38.64 15.72
N PRO A 46 -11.80 -39.30 16.74
CA PRO A 46 -12.20 -38.60 17.96
C PRO A 46 -11.15 -37.76 18.62
N SER A 47 -9.86 -38.10 18.50
CA SER A 47 -8.85 -37.28 19.12
C SER A 47 -8.72 -35.92 18.44
N GLU A 48 -9.33 -35.76 17.28
CA GLU A 48 -9.20 -34.49 16.55
C GLU A 48 -10.41 -33.61 16.78
N ASP A 49 -11.42 -34.09 17.48
CA ASP A 49 -12.66 -33.31 17.56
C ASP A 49 -12.39 -32.14 18.49
N PRO A 50 -12.67 -30.90 18.10
CA PRO A 50 -12.34 -29.79 19.00
C PRO A 50 -13.40 -29.70 20.12
N HIS A 51 -14.50 -30.44 20.00
CA HIS A 51 -15.62 -30.41 20.98
C HIS A 51 -15.94 -28.94 21.36
N LEU A 52 -16.21 -28.13 20.34
CA LEU A 52 -16.63 -26.76 20.53
C LEU A 52 -18.03 -26.83 21.16
N PRO A 53 -18.31 -25.85 21.99
CA PRO A 53 -19.58 -25.83 22.71
C PRO A 53 -20.70 -25.45 21.78
N LYS A 54 -21.89 -25.86 22.15
CA LYS A 54 -23.08 -25.68 21.32
C LYS A 54 -23.28 -24.26 20.85
N GLU A 55 -23.15 -23.27 21.72
CA GLU A 55 -23.44 -21.89 21.31
C GLU A 55 -22.42 -21.47 20.23
N LYS A 56 -21.18 -21.92 20.32
CA LYS A 56 -20.18 -21.52 19.32
C LYS A 56 -20.45 -22.24 18.02
N VAL A 57 -20.80 -23.51 18.03
CA VAL A 57 -21.09 -24.19 16.79
C VAL A 57 -22.34 -23.64 16.14
N LEU A 58 -23.38 -23.30 16.89
CA LEU A 58 -24.51 -22.62 16.26
C LEU A 58 -24.11 -21.26 15.71
N LYS A 59 -23.19 -20.51 16.34
CA LYS A 59 -22.77 -19.22 15.77
C LYS A 59 -22.07 -19.52 14.46
N LEU A 60 -21.27 -20.58 14.33
CA LEU A 60 -20.66 -20.89 13.03
C LEU A 60 -21.75 -21.10 11.99
N TYR A 61 -22.74 -21.90 12.32
CA TYR A 61 -23.75 -22.25 11.35
C TYR A 61 -24.61 -21.03 11.00
N LYS A 62 -25.03 -20.24 12.00
CA LYS A 62 -25.88 -19.06 11.71
C LYS A 62 -25.08 -18.01 10.93
N SER A 63 -23.81 -17.87 11.20
CA SER A 63 -22.99 -16.90 10.40
C SER A 63 -22.93 -17.36 8.95
N MET A 64 -22.65 -18.63 8.70
N MET A 64 -22.76 -18.64 8.72
CA MET A 64 -22.57 -19.06 7.28
CA MET A 64 -22.58 -19.16 7.36
C MET A 64 -23.91 -18.88 6.61
C MET A 64 -23.87 -19.04 6.59
N THR A 65 -24.99 -19.32 7.24
CA THR A 65 -26.30 -19.25 6.58
C THR A 65 -26.74 -17.84 6.44
N LEU A 66 -26.44 -16.94 7.36
CA LEU A 66 -26.87 -15.54 7.22
C LEU A 66 -26.10 -14.97 6.04
N LEU A 67 -24.84 -15.33 5.87
CA LEU A 67 -24.05 -14.82 4.74
C LEU A 67 -24.70 -15.33 3.45
N ASN A 68 -25.16 -16.58 3.42
CA ASN A 68 -25.77 -17.08 2.25
C ASN A 68 -27.09 -16.36 1.96
N THR A 69 -27.89 -16.06 2.97
CA THR A 69 -29.12 -15.31 2.80
C THR A 69 -28.85 -13.90 2.26
N MET A 70 -27.84 -13.25 2.77
CA MET A 70 -27.51 -11.91 2.30
C MET A 70 -27.02 -12.00 0.89
N ASP A 71 -26.20 -12.97 0.54
CA ASP A 71 -25.71 -13.13 -0.81
C ASP A 71 -26.87 -13.28 -1.79
N ARG A 72 -27.88 -14.06 -1.46
CA ARG A 72 -28.93 -14.26 -2.45
C ARG A 72 -29.62 -12.95 -2.72
N ILE A 73 -29.95 -12.16 -1.72
CA ILE A 73 -30.58 -10.90 -1.87
C ILE A 73 -29.73 -9.87 -2.62
N LEU A 74 -28.46 -9.76 -2.28
CA LEU A 74 -27.64 -8.74 -2.93
C LEU A 74 -27.29 -9.22 -4.29
N TYR A 75 -27.14 -10.50 -4.55
CA TYR A 75 -26.93 -10.94 -5.94
C TYR A 75 -28.17 -10.57 -6.81
N GLU A 76 -29.38 -10.76 -6.32
CA GLU A 76 -30.57 -10.31 -7.10
C GLU A 76 -30.55 -8.80 -7.25
N SER A 77 -30.10 -8.08 -6.24
CA SER A 77 -30.07 -6.61 -6.31
C SER A 77 -29.13 -6.20 -7.45
N GLN A 78 -28.02 -6.89 -7.62
CA GLN A 78 -27.07 -6.55 -8.70
C GLN A 78 -27.72 -6.90 -10.04
N ARG A 79 -28.35 -8.07 -10.15
CA ARG A 79 -28.97 -8.44 -11.44
C ARG A 79 -29.99 -7.41 -11.83
N GLN A 80 -30.62 -6.72 -10.88
CA GLN A 80 -31.59 -5.67 -11.24
C GLN A 80 -30.96 -4.28 -11.46
N GLY A 81 -29.70 -4.14 -11.26
CA GLY A 81 -29.01 -2.84 -11.39
C GLY A 81 -29.21 -1.92 -10.20
N ARG A 82 -29.63 -2.47 -9.03
CA ARG A 82 -29.80 -1.62 -7.88
C ARG A 82 -28.45 -1.33 -7.24
N ILE A 83 -27.50 -2.27 -7.29
CA ILE A 83 -26.09 -2.02 -6.98
C ILE A 83 -25.29 -2.40 -8.19
N SER A 84 -24.10 -1.83 -8.28
CA SER A 84 -23.35 -1.94 -9.55
C SER A 84 -22.59 -3.22 -9.71
N PHE A 85 -22.40 -3.99 -8.65
CA PHE A 85 -21.55 -5.16 -8.70
C PHE A 85 -21.86 -5.94 -7.43
N TYR A 86 -21.70 -7.25 -7.55
CA TYR A 86 -21.72 -8.09 -6.32
C TYR A 86 -20.92 -9.34 -6.58
N MET A 87 -20.52 -10.00 -5.54
N MET A 87 -20.39 -9.93 -5.50
CA MET A 87 -19.99 -11.33 -5.74
CA MET A 87 -19.68 -11.24 -5.53
C MET A 87 -20.20 -12.08 -4.47
C MET A 87 -20.26 -12.04 -4.40
N THR A 88 -20.72 -13.28 -4.65
CA THR A 88 -21.20 -14.08 -3.53
C THR A 88 -20.07 -14.85 -2.90
N ASN A 89 -20.43 -15.46 -1.78
CA ASN A 89 -19.46 -16.20 -0.92
C ASN A 89 -19.67 -17.71 -1.02
N TYR A 90 -20.39 -18.19 -2.04
CA TYR A 90 -20.83 -19.60 -2.10
C TYR A 90 -19.65 -20.54 -2.16
N GLY A 91 -19.63 -21.52 -1.28
CA GLY A 91 -18.54 -22.49 -1.19
C GLY A 91 -17.42 -22.06 -0.27
N GLU A 92 -17.38 -20.78 0.12
N GLU A 92 -17.41 -20.77 0.05
N GLU A 92 -17.37 -20.82 0.16
CA GLU A 92 -16.32 -20.24 1.00
CA GLU A 92 -16.38 -20.15 0.86
CA GLU A 92 -16.28 -20.48 1.07
C GLU A 92 -16.83 -19.90 2.37
C GLU A 92 -16.73 -20.12 2.32
C GLU A 92 -16.81 -19.93 2.36
N GLU A 93 -18.03 -20.33 2.69
CA GLU A 93 -18.55 -19.97 4.00
C GLU A 93 -17.82 -20.64 5.10
N GLY A 94 -17.43 -21.90 4.88
CA GLY A 94 -16.73 -22.69 5.90
C GLY A 94 -15.31 -22.18 6.13
N THR A 95 -14.62 -21.86 5.04
CA THR A 95 -13.28 -21.35 5.26
C THR A 95 -13.28 -20.05 6.01
N HIS A 96 -14.16 -19.10 5.55
N HIS A 96 -14.23 -19.18 5.71
N HIS A 96 -14.27 -19.21 5.86
CA HIS A 96 -14.33 -17.70 6.11
CA HIS A 96 -14.27 -17.86 6.36
CA HIS A 96 -14.14 -17.96 6.57
C HIS A 96 -14.64 -17.85 7.59
C HIS A 96 -14.71 -17.91 7.82
C HIS A 96 -14.66 -17.97 7.98
N VAL A 97 -15.70 -18.62 7.89
N VAL A 97 -15.78 -18.65 8.15
CA VAL A 97 -16.23 -18.64 9.25
CA VAL A 97 -16.24 -18.69 9.56
C VAL A 97 -15.43 -19.52 10.23
C VAL A 97 -15.38 -19.61 10.39
N GLY A 98 -14.95 -20.70 9.79
CA GLY A 98 -14.11 -21.64 10.57
C GLY A 98 -12.79 -20.96 11.01
N SER A 99 -12.15 -20.25 10.07
CA SER A 99 -10.92 -19.58 10.43
C SER A 99 -11.16 -18.40 11.32
N ALA A 100 -12.22 -17.61 11.06
CA ALA A 100 -12.42 -16.44 11.91
C ALA A 100 -12.70 -16.88 13.34
N ALA A 101 -13.40 -18.00 13.51
CA ALA A 101 -13.71 -18.46 14.86
C ALA A 101 -12.51 -18.89 15.66
N ALA A 102 -11.41 -19.22 14.97
CA ALA A 102 -10.18 -19.64 15.62
C ALA A 102 -9.30 -18.46 15.95
N LEU A 103 -9.65 -17.25 15.53
CA LEU A 103 -8.80 -16.09 15.82
C LEU A 103 -9.25 -15.46 17.09
N ASP A 104 -8.37 -14.67 17.67
N ASP A 104 -8.37 -14.65 17.66
CA ASP A 104 -8.84 -13.75 18.70
CA ASP A 104 -8.80 -13.68 18.65
C ASP A 104 -9.53 -12.56 18.03
C ASP A 104 -9.58 -12.56 17.97
N ASN A 105 -10.52 -11.97 18.69
CA ASN A 105 -11.24 -10.87 18.15
C ASN A 105 -10.42 -9.69 17.64
N THR A 106 -9.28 -9.50 18.27
CA THR A 106 -8.44 -8.38 17.88
C THR A 106 -7.30 -8.75 16.92
N ASP A 107 -7.24 -10.00 16.47
CA ASP A 107 -6.25 -10.32 15.45
C ASP A 107 -6.63 -9.60 14.17
N LEU A 108 -5.63 -9.06 13.48
CA LEU A 108 -5.86 -8.22 12.34
C LEU A 108 -5.99 -9.06 11.09
N VAL A 109 -6.98 -8.76 10.26
CA VAL A 109 -7.26 -9.52 9.04
C VAL A 109 -6.96 -8.68 7.83
N PHE A 110 -6.23 -9.27 6.89
CA PHE A 110 -6.09 -8.74 5.53
C PHE A 110 -6.70 -9.74 4.61
N GLY A 111 -7.60 -9.25 3.80
N GLY A 111 -7.32 -9.31 3.53
CA GLY A 111 -8.42 -10.09 2.91
CA GLY A 111 -7.88 -10.27 2.59
C GLY A 111 -7.96 -10.00 1.45
C GLY A 111 -8.27 -9.63 1.28
N GLN A 112 -8.76 -10.64 0.64
N GLN A 112 -9.36 -10.09 0.68
N GLN A 112 -8.43 -11.08 0.71
CA GLN A 112 -8.24 -11.03 -0.61
CA GLN A 112 -9.77 -9.56 -0.60
CA GLN A 112 -8.35 -11.11 -0.76
C GLN A 112 -9.38 -10.71 -1.56
C GLN A 112 -11.25 -9.90 -0.76
C GLN A 112 -9.60 -10.46 -1.43
N ALA A 113 -10.56 -11.19 -1.16
N ALA A 113 -11.68 -10.05 -2.03
CA ALA A 113 -11.78 -10.84 -1.86
CA ALA A 113 -12.54 -11.10 -2.56
C ALA A 113 -13.01 -11.34 -1.16
C ALA A 113 -13.39 -11.53 -1.42
N ARG A 114 -13.03 -12.61 -0.92
N ARG A 114 -14.39 -10.71 -1.25
CA ARG A 114 -14.24 -13.27 -0.64
CA ARG A 114 -15.34 -11.04 -0.31
C ARG A 114 -14.23 -13.48 0.87
C ARG A 114 -14.93 -11.07 1.18
N GLU A 115 -13.88 -12.43 1.62
N GLU A 115 -14.56 -12.27 1.65
CA GLU A 115 -13.96 -12.49 3.18
CA GLU A 115 -14.01 -12.54 3.02
C GLU A 115 -15.17 -12.06 3.98
C GLU A 115 -15.08 -12.03 3.91
N ALA A 116 -16.32 -11.89 3.37
CA ALA A 116 -17.42 -11.39 4.13
C ALA A 116 -17.76 -12.24 5.31
N GLY A 117 -17.58 -13.59 5.29
CA GLY A 117 -17.91 -14.37 6.41
C GLY A 117 -17.08 -14.06 7.67
N VAL A 118 -15.84 -13.55 7.44
CA VAL A 118 -15.02 -13.16 8.59
C VAL A 118 -15.70 -11.98 9.32
N LEU A 119 -16.12 -11.01 8.52
CA LEU A 119 -16.86 -9.88 9.13
C LEU A 119 -18.16 -10.34 9.74
N MET A 120 -18.87 -11.26 9.08
CA MET A 120 -20.12 -11.76 9.65
C MET A 120 -19.92 -12.43 10.99
N TYR A 121 -18.84 -13.23 11.09
CA TYR A 121 -18.58 -13.88 12.37
C TYR A 121 -18.23 -12.87 13.45
N ARG A 122 -17.53 -11.78 13.02
CA ARG A 122 -17.22 -10.67 13.91
C ARG A 122 -18.36 -9.66 14.11
N ASP A 123 -19.57 -10.07 13.72
CA ASP A 123 -20.83 -9.31 14.04
C ASP A 123 -20.85 -7.95 13.34
N TYR A 124 -20.29 -7.89 12.15
CA TYR A 124 -20.44 -6.69 11.33
C TYR A 124 -21.91 -6.51 10.98
N PRO A 125 -22.48 -5.33 11.19
CA PRO A 125 -23.90 -5.16 10.90
C PRO A 125 -24.27 -5.36 9.46
N LEU A 126 -25.42 -5.96 9.23
CA LEU A 126 -25.92 -6.05 7.86
C LEU A 126 -26.06 -4.70 7.19
N GLU A 127 -26.46 -3.69 7.94
CA GLU A 127 -26.58 -2.32 7.45
C GLU A 127 -25.28 -1.87 6.80
N LEU A 128 -24.14 -2.29 7.37
CA LEU A 128 -22.85 -1.77 6.90
C LEU A 128 -22.34 -2.56 5.71
N PHE A 129 -22.64 -3.87 5.61
CA PHE A 129 -22.36 -4.56 4.35
C PHE A 129 -23.14 -3.87 3.22
N MET A 130 -24.43 -3.62 3.48
N MET A 130 -24.38 -3.58 3.48
CA MET A 130 -25.33 -2.96 2.50
CA MET A 130 -25.17 -3.03 2.40
C MET A 130 -24.85 -1.57 2.18
C MET A 130 -24.88 -1.56 2.16
N ALA A 131 -24.43 -0.82 3.18
CA ALA A 131 -24.04 0.60 2.94
C ALA A 131 -22.87 0.65 1.98
N GLN A 132 -21.93 -0.30 2.11
CA GLN A 132 -20.77 -0.28 1.21
C GLN A 132 -21.18 -0.64 -0.22
N CYS A 133 -22.06 -1.62 -0.34
CA CYS A 133 -22.53 -2.01 -1.68
C CYS A 133 -23.34 -0.94 -2.35
N TYR A 134 -24.15 -0.15 -1.58
CA TYR A 134 -24.89 0.95 -2.14
C TYR A 134 -24.15 2.25 -2.17
N GLY A 135 -23.02 2.31 -1.48
CA GLY A 135 -22.27 3.57 -1.37
C GLY A 135 -23.11 4.65 -0.71
N ASN A 136 -23.86 4.33 0.31
CA ASN A 136 -24.77 5.32 0.88
C ASN A 136 -24.07 6.08 2.03
N ILE A 137 -24.83 7.00 2.65
CA ILE A 137 -24.23 7.87 3.68
C ILE A 137 -23.78 7.12 4.89
N SER A 138 -24.26 5.89 5.11
CA SER A 138 -23.78 5.14 6.27
C SER A 138 -22.47 4.42 6.00
N ASP A 139 -21.99 4.40 4.74
CA ASP A 139 -20.72 3.71 4.46
C ASP A 139 -19.55 4.52 5.05
N LEU A 140 -18.78 3.89 5.93
CA LEU A 140 -17.64 4.63 6.43
C LEU A 140 -16.58 4.76 5.38
N GLY A 141 -16.69 3.97 4.30
CA GLY A 141 -15.83 4.14 3.14
C GLY A 141 -16.26 5.29 2.22
N LYS A 142 -17.35 5.99 2.57
CA LYS A 142 -17.75 7.15 1.87
C LYS A 142 -18.14 6.91 0.40
N GLY A 143 -18.49 5.68 0.09
CA GLY A 143 -18.98 5.36 -1.26
C GLY A 143 -17.87 5.34 -2.32
N ARG A 144 -16.59 5.29 -1.93
CA ARG A 144 -15.55 5.50 -2.91
C ARG A 144 -15.14 4.22 -3.62
N GLN A 145 -15.28 3.07 -2.99
CA GLN A 145 -14.87 1.81 -3.65
C GLN A 145 -16.03 1.06 -4.23
N MET A 146 -15.70 0.20 -5.19
N MET A 146 -15.76 0.22 -5.22
N MET A 146 -15.72 0.20 -5.20
CA MET A 146 -16.59 -0.78 -5.78
CA MET A 146 -16.82 -0.59 -5.79
CA MET A 146 -16.66 -0.75 -5.77
C MET A 146 -17.29 -1.59 -4.69
C MET A 146 -17.33 -1.52 -4.71
C MET A 146 -17.31 -1.57 -4.69
N PRO A 147 -18.54 -2.02 -4.90
CA PRO A 147 -19.15 -2.90 -3.91
C PRO A 147 -18.32 -4.11 -3.56
N VAL A 148 -18.56 -4.63 -2.38
N VAL A 148 -18.53 -4.61 -2.33
CA VAL A 148 -17.90 -5.81 -1.95
CA VAL A 148 -17.86 -5.74 -1.59
C VAL A 148 -16.44 -5.53 -1.81
C VAL A 148 -16.43 -5.49 -1.09
N HIS A 149 -16.13 -4.32 -1.30
N HIS A 149 -15.96 -4.27 -1.19
N HIS A 149 -16.15 -4.44 -1.14
CA HIS A 149 -14.80 -3.85 -0.78
CA HIS A 149 -14.60 -4.13 -0.68
CA HIS A 149 -14.78 -4.14 -0.70
C HIS A 149 -14.92 -3.41 0.69
C HIS A 149 -14.71 -3.48 0.67
C HIS A 149 -14.92 -3.50 0.64
N TYR A 150 -15.04 -4.41 1.57
CA TYR A 150 -15.40 -4.08 2.94
C TYR A 150 -14.17 -3.71 3.78
N GLY A 151 -14.37 -2.97 4.84
CA GLY A 151 -13.33 -2.70 5.81
C GLY A 151 -13.99 -2.30 7.12
N CYS A 152 -13.33 -2.56 8.24
CA CYS A 152 -13.86 -2.13 9.54
C CYS A 152 -12.69 -1.97 10.48
N LYS A 153 -12.44 -0.75 10.97
CA LYS A 153 -11.39 -0.51 11.95
C LYS A 153 -11.79 -1.14 13.30
N GLU A 154 -13.05 -1.02 13.69
N GLU A 154 -13.06 -1.06 13.67
CA GLU A 154 -13.47 -1.57 14.98
CA GLU A 154 -13.51 -1.59 14.95
C GLU A 154 -13.22 -3.08 15.06
C GLU A 154 -13.37 -3.09 15.08
N ARG A 155 -13.45 -3.78 13.96
CA ARG A 155 -13.33 -5.23 13.92
C ARG A 155 -12.04 -5.71 13.26
N HIS A 156 -11.07 -4.80 13.17
CA HIS A 156 -9.68 -5.21 12.79
C HIS A 156 -9.69 -5.94 11.50
N PHE A 157 -10.35 -5.38 10.52
CA PHE A 157 -10.48 -6.00 9.20
C PHE A 157 -10.11 -4.93 8.18
N VAL A 158 -8.89 -5.06 7.66
CA VAL A 158 -8.32 -4.00 6.84
C VAL A 158 -9.07 -3.91 5.52
N THR A 159 -9.40 -2.68 5.08
CA THR A 159 -10.20 -2.52 3.88
C THR A 159 -9.62 -3.29 2.71
N ILE A 160 -10.44 -4.02 2.02
CA ILE A 160 -10.02 -4.80 0.84
C ILE A 160 -9.78 -3.93 -0.35
N SER A 161 -8.78 -4.30 -1.16
CA SER A 161 -8.59 -3.57 -2.44
C SER A 161 -8.54 -4.60 -3.55
N SER A 162 -9.00 -4.12 -4.72
CA SER A 162 -9.07 -4.96 -5.93
C SER A 162 -7.75 -5.62 -6.39
N PRO A 163 -6.60 -4.93 -6.39
CA PRO A 163 -5.37 -5.55 -6.87
C PRO A 163 -5.02 -6.80 -6.10
N LEU A 164 -4.83 -7.89 -6.83
CA LEU A 164 -4.58 -9.17 -6.12
C LEU A 164 -3.23 -9.21 -5.51
N ALA A 165 -3.21 -9.81 -4.32
CA ALA A 165 -2.00 -10.16 -3.57
C ALA A 165 -1.28 -9.00 -2.95
N THR A 166 -1.71 -7.75 -3.20
CA THR A 166 -0.97 -6.64 -2.61
C THR A 166 -0.98 -6.65 -1.10
N GLN A 167 -2.02 -7.25 -0.53
CA GLN A 167 -2.13 -7.30 0.93
C GLN A 167 -1.22 -8.31 1.55
N ILE A 168 -0.56 -9.17 0.78
CA ILE A 168 0.25 -10.20 1.40
C ILE A 168 1.50 -9.60 2.05
N PRO A 169 2.35 -8.82 1.35
CA PRO A 169 3.46 -8.27 2.07
C PRO A 169 3.07 -7.22 3.09
N GLN A 170 1.92 -6.55 2.86
CA GLN A 170 1.42 -5.62 3.89
C GLN A 170 1.08 -6.36 5.17
N ALA A 171 0.39 -7.49 5.05
CA ALA A 171 0.06 -8.22 6.26
C ALA A 171 1.33 -8.62 7.01
N VAL A 172 2.39 -8.98 6.28
CA VAL A 172 3.67 -9.30 6.93
C VAL A 172 4.24 -8.13 7.70
N GLY A 173 4.16 -6.91 7.14
CA GLY A 173 4.60 -5.73 7.86
C GLY A 173 3.79 -5.47 9.11
N ALA A 174 2.48 -5.65 8.98
CA ALA A 174 1.66 -5.45 10.20
C ALA A 174 2.01 -6.48 11.25
N ALA A 175 2.31 -7.72 10.85
CA ALA A 175 2.74 -8.74 11.79
C ALA A 175 4.07 -8.43 12.41
N TYR A 176 5.02 -7.85 11.65
CA TYR A 176 6.30 -7.46 12.27
C TYR A 176 6.06 -6.37 13.30
N ALA A 177 5.18 -5.43 12.96
CA ALA A 177 4.92 -4.34 13.90
C ALA A 177 4.24 -4.91 15.16
N ALA A 178 3.35 -5.89 15.00
CA ALA A 178 2.67 -6.51 16.16
C ALA A 178 3.72 -7.19 17.00
N LYS A 179 4.70 -7.85 16.42
CA LYS A 179 5.73 -8.52 17.19
C LYS A 179 6.47 -7.50 18.01
N ARG A 180 6.81 -6.36 17.41
CA ARG A 180 7.57 -5.36 18.19
C ARG A 180 6.72 -4.78 19.27
N ALA A 181 5.43 -4.70 19.09
CA ALA A 181 4.56 -4.01 20.05
C ALA A 181 4.32 -4.98 21.19
N ASN A 182 4.76 -6.21 21.08
CA ASN A 182 4.48 -7.22 22.11
C ASN A 182 2.98 -7.30 22.26
N ALA A 183 2.33 -7.16 21.11
CA ALA A 183 0.89 -7.35 20.90
C ALA A 183 0.27 -8.66 21.42
N ASN A 184 1.01 -9.77 21.36
CA ASN A 184 0.39 -11.12 21.51
C ASN A 184 -0.86 -11.25 20.59
N ARG A 185 -0.68 -10.73 19.42
CA ARG A 185 -1.67 -10.68 18.35
C ARG A 185 -1.04 -11.39 17.14
N VAL A 186 -1.91 -12.02 16.35
N VAL A 186 -1.94 -11.94 16.33
CA VAL A 186 -1.47 -12.60 15.05
CA VAL A 186 -1.55 -12.58 15.08
C VAL A 186 -2.12 -11.71 14.01
C VAL A 186 -2.25 -11.86 13.93
N VAL A 187 -1.58 -11.83 12.80
CA VAL A 187 -2.22 -11.31 11.60
C VAL A 187 -2.59 -12.50 10.73
N ILE A 188 -3.77 -12.45 10.10
CA ILE A 188 -4.09 -13.47 9.09
C ILE A 188 -4.26 -12.79 7.78
N CYS A 189 -3.80 -13.43 6.69
CA CYS A 189 -3.90 -12.89 5.37
C CYS A 189 -4.49 -13.90 4.45
N TYR A 190 -5.60 -13.57 3.86
CA TYR A 190 -6.27 -14.49 2.90
C TYR A 190 -5.92 -14.15 1.48
N PHE A 191 -5.85 -15.16 0.64
CA PHE A 191 -5.59 -14.96 -0.81
C PHE A 191 -5.98 -16.23 -1.52
N GLY A 192 -6.30 -16.07 -2.80
CA GLY A 192 -6.62 -17.24 -3.61
C GLY A 192 -5.41 -17.90 -4.24
N GLU A 193 -5.62 -19.03 -4.91
CA GLU A 193 -4.52 -19.75 -5.51
C GLU A 193 -4.04 -19.05 -6.73
N GLY A 194 -4.87 -18.31 -7.44
CA GLY A 194 -4.40 -17.47 -8.55
C GLY A 194 -3.56 -16.33 -8.03
N ALA A 195 -4.04 -15.62 -7.02
CA ALA A 195 -3.25 -14.51 -6.42
C ALA A 195 -1.88 -15.00 -5.96
N ALA A 196 -1.73 -16.23 -5.58
CA ALA A 196 -0.42 -16.76 -5.11
C ALA A 196 0.56 -16.76 -6.26
N SER A 197 0.15 -16.60 -7.52
CA SER A 197 1.14 -16.51 -8.59
C SER A 197 1.73 -15.12 -8.67
N GLU A 198 1.15 -14.12 -8.01
CA GLU A 198 1.72 -12.77 -8.10
C GLU A 198 3.07 -12.69 -7.42
N GLY A 199 3.91 -11.77 -7.89
CA GLY A 199 5.22 -11.58 -7.24
C GLY A 199 5.06 -11.15 -5.79
N ASP A 200 3.98 -10.42 -5.44
CA ASP A 200 3.83 -9.99 -4.05
C ASP A 200 3.63 -11.15 -3.13
N ALA A 201 3.14 -12.31 -3.62
CA ALA A 201 3.03 -13.44 -2.69
C ALA A 201 4.41 -13.98 -2.36
N HIS A 202 5.30 -14.04 -3.34
CA HIS A 202 6.69 -14.50 -3.08
C HIS A 202 7.36 -13.53 -2.12
N ALA A 203 7.10 -12.25 -2.28
CA ALA A 203 7.67 -11.30 -1.36
C ALA A 203 7.15 -11.55 0.02
N GLY A 204 5.85 -11.63 0.21
CA GLY A 204 5.32 -11.79 1.57
C GLY A 204 5.75 -13.07 2.22
N PHE A 205 5.72 -14.20 1.50
N PHE A 205 5.71 -14.22 1.53
CA PHE A 205 6.11 -15.47 2.08
CA PHE A 205 6.13 -15.46 2.19
C PHE A 205 7.56 -15.46 2.57
C PHE A 205 7.56 -15.33 2.66
N ASN A 206 8.44 -14.86 1.77
CA ASN A 206 9.85 -14.87 2.15
C ASN A 206 10.11 -13.88 3.27
N PHE A 207 9.52 -12.69 3.21
CA PHE A 207 9.75 -11.74 4.27
C PHE A 207 9.25 -12.26 5.59
N ALA A 208 8.10 -12.91 5.60
CA ALA A 208 7.57 -13.39 6.89
C ALA A 208 8.50 -14.39 7.52
N ALA A 209 9.16 -15.22 6.71
CA ALA A 209 10.05 -16.21 7.26
C ALA A 209 11.34 -15.58 7.69
N THR A 210 11.97 -14.71 6.89
CA THR A 210 13.25 -14.16 7.26
C THR A 210 13.15 -13.13 8.39
N LEU A 211 12.02 -12.43 8.51
CA LEU A 211 11.84 -11.44 9.58
C LEU A 211 11.07 -12.01 10.76
N GLU A 212 10.67 -13.28 10.71
CA GLU A 212 10.15 -14.01 11.86
C GLU A 212 8.88 -13.37 12.33
N CYS A 213 7.85 -13.41 11.49
CA CYS A 213 6.61 -12.64 11.75
C CYS A 213 5.47 -13.61 12.15
N PRO A 214 4.64 -13.19 13.12
CA PRO A 214 3.50 -13.99 13.57
C PRO A 214 2.26 -13.82 12.66
N ILE A 215 2.30 -14.54 11.58
CA ILE A 215 1.29 -14.40 10.53
C ILE A 215 0.82 -15.75 10.05
N ILE A 216 -0.46 -15.86 9.80
CA ILE A 216 -1.07 -17.03 9.14
C ILE A 216 -1.38 -16.60 7.71
N PHE A 217 -0.79 -17.31 6.74
CA PHE A 217 -1.17 -17.17 5.36
C PHE A 217 -2.26 -18.19 5.06
N PHE A 218 -3.41 -17.74 4.61
CA PHE A 218 -4.55 -18.63 4.39
C PHE A 218 -4.92 -18.56 2.94
N CYS A 219 -4.54 -19.63 2.22
CA CYS A 219 -4.82 -19.65 0.80
C CYS A 219 -6.08 -20.45 0.53
N ARG A 220 -7.02 -19.84 -0.16
CA ARG A 220 -8.20 -20.58 -0.59
C ARG A 220 -7.97 -21.06 -2.01
N ASN A 221 -7.89 -22.39 -2.14
CA ASN A 221 -7.65 -23.00 -3.45
C ASN A 221 -8.96 -23.60 -3.90
N ASN A 222 -9.64 -22.89 -4.81
CA ASN A 222 -10.92 -23.36 -5.34
C ASN A 222 -10.79 -23.85 -6.74
N GLY A 223 -9.58 -24.14 -7.18
CA GLY A 223 -9.37 -24.75 -8.51
C GLY A 223 -9.41 -23.80 -9.69
N TYR A 224 -9.84 -22.53 -9.52
CA TYR A 224 -9.97 -21.65 -10.69
C TYR A 224 -9.67 -20.24 -10.27
N ALA A 225 -9.11 -19.51 -11.25
CA ALA A 225 -8.93 -18.06 -11.14
C ALA A 225 -9.63 -17.49 -12.33
N ILE A 226 -10.85 -16.97 -12.12
CA ILE A 226 -11.79 -16.66 -13.25
C ILE A 226 -11.94 -17.88 -14.14
N SER A 227 -11.42 -17.89 -15.36
CA SER A 227 -11.59 -19.04 -16.29
C SER A 227 -10.38 -20.02 -16.24
N THR A 228 -9.36 -19.64 -15.45
CA THR A 228 -8.06 -20.33 -15.50
C THR A 228 -8.05 -21.49 -14.49
N PRO A 229 -7.98 -22.74 -14.97
CA PRO A 229 -7.88 -23.86 -14.02
C PRO A 229 -6.50 -23.94 -13.43
N THR A 230 -6.34 -24.69 -12.35
CA THR A 230 -5.01 -24.74 -11.72
C THR A 230 -3.96 -25.39 -12.56
N SER A 231 -4.30 -26.22 -13.55
CA SER A 231 -3.30 -26.71 -14.43
C SER A 231 -2.55 -25.66 -15.24
N GLU A 232 -3.14 -24.46 -15.39
CA GLU A 232 -2.50 -23.35 -16.07
C GLU A 232 -1.98 -22.34 -15.06
N GLN A 233 -2.16 -22.56 -13.75
CA GLN A 233 -1.77 -21.62 -12.75
C GLN A 233 -0.45 -22.01 -12.10
N TYR A 234 -0.19 -23.32 -11.99
CA TYR A 234 1.01 -23.83 -11.33
C TYR A 234 1.17 -25.26 -11.68
N ARG A 235 2.38 -25.81 -11.45
CA ARG A 235 2.62 -27.24 -11.73
C ARG A 235 3.21 -27.98 -10.57
N GLY A 236 3.42 -27.30 -9.47
CA GLY A 236 3.76 -27.99 -8.23
C GLY A 236 2.52 -28.50 -7.52
N ASP A 237 2.71 -29.04 -6.32
CA ASP A 237 1.58 -29.57 -5.54
C ASP A 237 0.89 -28.46 -4.82
N GLY A 238 0.13 -27.71 -5.60
CA GLY A 238 -0.65 -26.57 -5.09
C GLY A 238 0.18 -25.59 -4.36
N ILE A 239 -0.43 -24.83 -3.44
CA ILE A 239 0.28 -23.80 -2.73
C ILE A 239 0.94 -24.34 -1.49
N ALA A 240 0.34 -25.33 -0.82
CA ALA A 240 0.94 -25.81 0.41
C ALA A 240 2.31 -26.32 0.17
N ALA A 241 2.61 -26.91 -0.98
CA ALA A 241 3.98 -27.44 -1.17
C ALA A 241 4.99 -26.34 -1.35
N ARG A 242 4.58 -25.10 -1.55
CA ARG A 242 5.55 -24.04 -1.68
C ARG A 242 6.01 -23.59 -0.29
N GLY A 243 5.23 -23.77 0.76
CA GLY A 243 5.61 -23.18 2.05
C GLY A 243 6.96 -23.67 2.51
N PRO A 244 7.20 -24.96 2.55
CA PRO A 244 8.48 -25.46 3.10
C PRO A 244 9.68 -24.89 2.35
N GLY A 245 9.59 -24.53 1.08
CA GLY A 245 10.71 -23.94 0.35
C GLY A 245 11.09 -22.55 0.90
N TYR A 246 10.16 -21.88 1.57
CA TYR A 246 10.42 -20.60 2.24
C TYR A 246 10.73 -20.83 3.71
N GLY A 247 10.74 -22.08 4.16
CA GLY A 247 10.94 -22.32 5.58
C GLY A 247 9.66 -22.18 6.37
N ILE A 248 8.46 -22.20 5.76
CA ILE A 248 7.19 -21.96 6.42
C ILE A 248 6.50 -23.30 6.65
N MET A 249 6.11 -23.51 7.90
CA MET A 249 5.25 -24.67 8.28
C MET A 249 3.93 -24.63 7.56
N SER A 250 3.51 -25.72 6.93
CA SER A 250 2.35 -25.68 6.01
C SER A 250 1.42 -26.82 6.20
N ILE A 251 0.17 -26.61 5.87
CA ILE A 251 -0.82 -27.68 6.01
C ILE A 251 -1.84 -27.49 4.93
N ARG A 252 -2.51 -28.54 4.51
CA ARG A 252 -3.61 -28.47 3.57
C ARG A 252 -4.88 -29.01 4.27
N VAL A 253 -6.01 -28.33 4.09
CA VAL A 253 -7.23 -28.73 4.81
C VAL A 253 -8.40 -28.77 3.89
N ASP A 254 -9.41 -29.53 4.33
CA ASP A 254 -10.65 -29.61 3.57
C ASP A 254 -11.46 -28.36 3.85
N GLY A 255 -11.56 -27.45 2.89
CA GLY A 255 -12.30 -26.19 3.12
C GLY A 255 -13.77 -26.37 3.25
N ASN A 256 -14.33 -27.54 2.95
CA ASN A 256 -15.77 -27.76 3.19
C ASN A 256 -16.03 -28.26 4.60
N ASP A 257 -14.97 -28.32 5.42
CA ASP A 257 -15.08 -28.89 6.80
C ASP A 257 -14.69 -27.77 7.75
N VAL A 258 -15.73 -27.17 8.34
N VAL A 258 -15.69 -27.12 8.36
CA VAL A 258 -15.53 -26.05 9.21
CA VAL A 258 -15.39 -26.00 9.28
C VAL A 258 -14.61 -26.42 10.38
C VAL A 258 -14.53 -26.43 10.45
N PHE A 259 -14.66 -27.67 10.90
CA PHE A 259 -13.83 -28.08 12.03
C PHE A 259 -12.38 -28.30 11.66
N ALA A 260 -12.12 -28.80 10.45
CA ALA A 260 -10.74 -28.91 10.01
C ALA A 260 -10.14 -27.53 9.85
N VAL A 261 -10.87 -26.60 9.23
CA VAL A 261 -10.38 -25.22 9.10
C VAL A 261 -10.13 -24.63 10.46
N TYR A 262 -11.08 -24.77 11.38
CA TYR A 262 -10.91 -24.24 12.72
C TYR A 262 -9.67 -24.84 13.38
N ASN A 263 -9.56 -26.16 13.37
CA ASN A 263 -8.44 -26.77 14.10
C ASN A 263 -7.10 -26.31 13.53
N ALA A 264 -6.98 -26.25 12.19
CA ALA A 264 -5.72 -25.81 11.65
C ALA A 264 -5.43 -24.35 11.93
N THR A 265 -6.45 -23.51 11.85
CA THR A 265 -6.21 -22.07 12.13
C THR A 265 -5.91 -21.85 13.59
N LYS A 266 -6.57 -22.61 14.48
CA LYS A 266 -6.36 -22.43 15.90
C LYS A 266 -4.94 -22.79 16.27
N GLU A 267 -4.46 -23.90 15.72
CA GLU A 267 -3.11 -24.35 16.03
C GLU A 267 -2.07 -23.44 15.37
N ALA A 268 -2.30 -22.99 14.13
CA ALA A 268 -1.37 -22.02 13.49
C ALA A 268 -1.34 -20.77 14.31
N ARG A 269 -2.48 -20.28 14.80
CA ARG A 269 -2.45 -19.04 15.58
C ARG A 269 -1.64 -19.22 16.86
N ARG A 270 -1.87 -20.32 17.57
CA ARG A 270 -1.18 -20.55 18.83
C ARG A 270 0.31 -20.56 18.56
N ARG A 271 0.76 -21.28 17.54
CA ARG A 271 2.17 -21.41 17.30
C ARG A 271 2.78 -20.15 16.68
N ALA A 272 2.03 -19.46 15.80
CA ALA A 272 2.59 -18.24 15.20
C ALA A 272 2.86 -17.21 16.27
N VAL A 273 1.94 -17.03 17.23
N VAL A 273 2.00 -17.02 17.24
CA VAL A 273 2.07 -16.02 18.29
CA VAL A 273 2.25 -15.99 18.19
C VAL A 273 3.13 -16.37 19.32
C VAL A 273 3.36 -16.44 19.14
N ALA A 274 3.31 -17.68 19.58
CA ALA A 274 4.32 -18.15 20.57
C ALA A 274 5.70 -18.10 19.95
N GLU A 275 5.80 -18.45 18.69
CA GLU A 275 7.10 -18.73 18.07
C GLU A 275 7.57 -17.60 17.11
N ASN A 276 6.68 -16.66 16.82
CA ASN A 276 6.96 -15.61 15.84
C ASN A 276 7.45 -16.29 14.59
N GLN A 277 6.57 -17.14 14.04
CA GLN A 277 6.88 -17.70 12.75
C GLN A 277 5.63 -17.85 11.96
N PRO A 278 5.77 -17.77 10.67
CA PRO A 278 4.58 -17.87 9.80
C PRO A 278 4.11 -19.28 9.61
N PHE A 279 2.83 -19.38 9.36
CA PHE A 279 2.20 -20.69 9.03
C PHE A 279 1.41 -20.52 7.79
N LEU A 280 1.36 -21.53 6.94
CA LEU A 280 0.56 -21.50 5.71
C LEU A 280 -0.51 -22.57 5.78
N ILE A 281 -1.76 -22.20 5.55
CA ILE A 281 -2.87 -23.12 5.44
C ILE A 281 -3.42 -23.00 4.04
N GLU A 282 -3.52 -24.13 3.32
CA GLU A 282 -4.20 -24.12 2.01
C GLU A 282 -5.49 -24.87 2.19
N ALA A 283 -6.60 -24.17 2.03
CA ALA A 283 -7.93 -24.75 2.20
C ALA A 283 -8.50 -25.07 0.83
N MET A 284 -8.79 -26.35 0.61
CA MET A 284 -9.28 -26.75 -0.68
C MET A 284 -10.77 -26.61 -0.74
N THR A 285 -11.33 -25.91 -1.72
CA THR A 285 -12.81 -25.86 -1.88
C THR A 285 -13.15 -25.98 -3.30
N TYR A 286 -14.47 -25.86 -3.52
CA TYR A 286 -15.10 -25.94 -4.85
C TYR A 286 -15.66 -24.57 -5.16
N ARG A 287 -15.28 -23.97 -6.30
CA ARG A 287 -15.83 -22.65 -6.60
C ARG A 287 -17.25 -22.88 -7.04
N ILE A 288 -18.21 -22.47 -6.20
CA ILE A 288 -19.60 -22.83 -6.48
C ILE A 288 -20.30 -21.81 -7.37
N GLY A 289 -20.13 -20.53 -7.06
CA GLY A 289 -20.70 -19.47 -7.89
C GLY A 289 -20.00 -19.35 -9.24
N SER A 292 -18.15 -13.52 -10.21
CA SER A 292 -18.69 -12.21 -9.89
C SER A 292 -19.90 -11.92 -10.80
N THR A 293 -20.62 -10.84 -10.54
CA THR A 293 -21.75 -10.51 -11.40
C THR A 293 -21.25 -10.09 -12.78
N ASP A 313 -21.97 -32.00 -0.35
CA ASP A 313 -20.58 -31.53 -0.21
C ASP A 313 -20.47 -30.04 -0.27
N HIS A 314 -21.04 -29.40 0.73
CA HIS A 314 -20.98 -27.97 0.87
C HIS A 314 -20.74 -27.79 2.37
N PRO A 315 -20.04 -26.73 2.77
CA PRO A 315 -19.77 -26.56 4.18
C PRO A 315 -21.02 -26.38 5.07
N ILE A 316 -22.05 -25.75 4.56
CA ILE A 316 -23.25 -25.57 5.37
C ILE A 316 -24.00 -26.88 5.62
N SER A 317 -24.14 -27.67 4.54
CA SER A 317 -24.79 -28.98 4.62
C SER A 317 -24.04 -29.87 5.57
N ARG A 318 -22.70 -29.86 5.52
N ARG A 318 -22.70 -29.83 5.50
CA ARG A 318 -21.95 -30.76 6.39
CA ARG A 318 -21.95 -30.73 6.33
C ARG A 318 -22.16 -30.38 7.84
C ARG A 318 -22.16 -30.38 7.80
N LEU A 319 -22.08 -29.08 8.10
CA LEU A 319 -22.25 -28.67 9.49
C LEU A 319 -23.70 -28.91 9.97
N ARG A 320 -24.67 -28.68 9.10
CA ARG A 320 -26.03 -29.01 9.50
C ARG A 320 -26.16 -30.49 9.88
N HIS A 321 -25.54 -31.35 9.09
CA HIS A 321 -25.55 -32.79 9.49
C HIS A 321 -24.97 -33.05 10.89
N TYR A 322 -23.83 -32.42 11.18
CA TYR A 322 -23.29 -32.48 12.51
C TYR A 322 -24.25 -32.00 13.65
N LEU A 323 -24.88 -30.83 13.45
CA LEU A 323 -25.78 -30.27 14.47
C LEU A 323 -26.90 -31.24 14.81
N LEU A 324 -27.46 -31.73 13.71
N LEU A 324 -27.43 -31.93 13.84
N LEU A 324 -27.42 -31.84 13.75
CA LEU A 324 -28.58 -32.67 13.71
CA LEU A 324 -28.43 -32.95 14.17
CA LEU A 324 -28.36 -32.94 13.86
C LEU A 324 -28.15 -33.99 14.30
C LEU A 324 -27.89 -34.00 15.18
C LEU A 324 -27.52 -34.22 13.97
N SER A 325 -26.85 -34.13 14.63
N SER A 325 -26.65 -34.48 14.92
N SER A 325 -27.07 -34.48 15.20
CA SER A 325 -26.36 -35.34 15.36
CA SER A 325 -26.14 -35.68 15.59
CA SER A 325 -26.29 -35.65 15.55
C SER A 325 -26.41 -35.16 16.89
C SER A 325 -26.06 -35.35 17.06
C SER A 325 -25.87 -35.36 16.99
N GLN A 326 -25.82 -34.07 17.33
CA GLN A 326 -25.65 -33.73 18.78
C GLN A 326 -27.00 -33.45 19.35
N GLY A 327 -27.91 -33.58 18.38
N GLY A 327 -28.08 -33.22 18.61
CA GLY A 327 -29.33 -33.23 18.37
CA GLY A 327 -29.33 -32.75 19.30
C GLY A 327 -29.51 -31.75 18.51
C GLY A 327 -29.43 -31.22 19.40
N TRP A 328 -28.68 -30.94 17.83
N TRP A 328 -28.67 -30.55 18.52
CA TRP A 328 -28.53 -29.53 18.22
CA TRP A 328 -28.57 -29.10 18.50
C TRP A 328 -29.37 -28.54 17.39
C TRP A 328 -29.26 -28.44 17.27
N TRP A 329 -30.04 -29.15 16.44
CA TRP A 329 -30.78 -28.41 15.37
C TRP A 329 -31.79 -29.39 14.91
N ASP A 330 -32.82 -28.90 14.23
CA ASP A 330 -33.84 -29.76 13.68
C ASP A 330 -34.53 -28.92 12.62
N GLU A 331 -35.50 -29.50 11.93
CA GLU A 331 -36.22 -28.80 10.85
C GLU A 331 -37.03 -27.59 11.32
N GLU A 332 -37.61 -27.65 12.50
CA GLU A 332 -38.37 -26.50 13.02
C GLU A 332 -37.43 -25.32 13.21
N GLN A 333 -36.26 -25.58 13.84
CA GLN A 333 -35.31 -24.52 14.08
C GLN A 333 -34.78 -23.99 12.77
N GLU A 334 -34.54 -24.88 11.81
CA GLU A 334 -34.04 -24.45 10.52
C GLU A 334 -35.06 -23.52 9.82
N LYS A 335 -36.31 -23.93 9.82
CA LYS A 335 -37.35 -23.06 9.25
C LYS A 335 -37.47 -21.71 9.93
N ALA A 336 -37.39 -21.68 11.26
CA ALA A 336 -37.52 -20.43 11.97
C ALA A 336 -36.33 -19.52 11.69
N TRP A 337 -35.14 -20.10 11.60
CA TRP A 337 -33.95 -19.29 11.40
C TRP A 337 -33.95 -18.80 9.95
N ARG A 338 -34.37 -19.62 9.02
CA ARG A 338 -34.43 -19.18 7.62
C ARG A 338 -35.36 -17.94 7.46
N LYS A 339 -36.48 -17.94 8.18
CA LYS A 339 -37.42 -16.83 8.18
C LYS A 339 -36.82 -15.58 8.85
N GLN A 340 -36.24 -15.77 10.02
CA GLN A 340 -35.68 -14.68 10.86
C GLN A 340 -34.53 -14.01 10.11
N SER A 341 -33.69 -14.84 9.48
CA SER A 341 -32.51 -14.32 8.74
C SER A 341 -32.96 -13.54 7.51
N ARG A 342 -33.98 -14.05 6.81
CA ARG A 342 -34.52 -13.34 5.66
C ARG A 342 -35.09 -11.99 6.11
N ARG A 343 -35.80 -11.95 7.24
CA ARG A 343 -36.40 -10.70 7.75
C ARG A 343 -35.30 -9.68 8.10
N LYS A 344 -34.28 -10.11 8.81
CA LYS A 344 -33.18 -9.23 9.15
C LYS A 344 -32.47 -8.69 7.89
N VAL A 345 -32.21 -9.56 6.90
CA VAL A 345 -31.57 -9.12 5.67
C VAL A 345 -32.47 -8.13 4.95
N MET A 346 -33.75 -8.44 4.84
CA MET A 346 -34.63 -7.49 4.16
C MET A 346 -34.83 -6.16 4.93
N GLU A 347 -34.84 -6.15 6.26
CA GLU A 347 -34.92 -4.88 7.00
C GLU A 347 -33.68 -4.05 6.64
N ALA A 348 -32.50 -4.67 6.61
CA ALA A 348 -31.30 -3.91 6.31
C ALA A 348 -31.28 -3.44 4.86
N PHE A 349 -31.76 -4.30 3.95
CA PHE A 349 -31.78 -3.96 2.52
C PHE A 349 -32.69 -2.71 2.32
N GLU A 350 -33.88 -2.73 2.94
CA GLU A 350 -34.76 -1.56 2.84
C GLU A 350 -34.15 -0.28 3.33
N GLN A 351 -33.52 -0.35 4.47
CA GLN A 351 -32.93 0.81 5.01
C GLN A 351 -31.84 1.28 4.02
N ALA A 352 -31.06 0.34 3.46
CA ALA A 352 -29.89 0.73 2.67
C ALA A 352 -30.30 1.42 1.42
N GLU A 353 -31.40 0.94 0.82
CA GLU A 353 -31.87 1.55 -0.40
C GLU A 353 -32.48 2.91 -0.24
N ARG A 354 -32.97 3.21 0.94
N ARG A 354 -33.02 3.16 0.96
CA ARG A 354 -33.63 4.47 1.14
CA ARG A 354 -33.66 4.43 1.28
C ARG A 354 -32.71 5.55 1.72
C ARG A 354 -32.66 5.55 1.56
N LYS A 355 -31.49 5.19 2.10
CA LYS A 355 -30.53 6.23 2.50
C LYS A 355 -29.99 6.99 1.30
N PRO A 356 -29.71 8.29 1.44
CA PRO A 356 -29.05 8.99 0.35
C PRO A 356 -27.59 8.59 0.20
N LYS A 357 -27.00 9.02 -0.91
CA LYS A 357 -25.56 8.85 -1.15
C LYS A 357 -24.84 10.01 -0.44
N PRO A 358 -23.54 9.95 -0.23
CA PRO A 358 -22.87 11.00 0.53
C PRO A 358 -22.74 12.26 -0.31
N ASN A 359 -22.48 13.39 0.34
CA ASN A 359 -22.26 14.63 -0.38
C ASN A 359 -21.09 14.51 -1.41
N PRO A 360 -21.26 14.90 -2.68
CA PRO A 360 -20.19 14.82 -3.71
C PRO A 360 -18.92 15.50 -3.30
N ASN A 361 -18.96 16.44 -2.35
CA ASN A 361 -17.70 17.02 -1.76
C ASN A 361 -16.79 15.96 -1.19
N LEU A 362 -17.35 14.83 -0.74
CA LEU A 362 -16.54 13.74 -0.19
C LEU A 362 -15.67 13.05 -1.23
N LEU A 363 -15.80 13.36 -2.53
N LEU A 363 -15.85 13.45 -2.49
CA LEU A 363 -14.83 12.74 -3.46
CA LEU A 363 -14.98 12.99 -3.55
C LEU A 363 -13.46 13.40 -3.31
C LEU A 363 -13.54 13.41 -3.26
N PHE A 364 -13.38 14.53 -2.61
CA PHE A 364 -12.08 15.19 -2.48
C PHE A 364 -11.37 14.95 -1.18
N SER A 365 -12.04 14.50 -0.11
CA SER A 365 -11.37 14.40 1.19
C SER A 365 -10.66 13.03 1.26
N ASP A 366 -9.71 12.98 2.20
CA ASP A 366 -8.94 11.79 2.50
C ASP A 366 -8.00 11.35 1.38
N VAL A 367 -7.83 12.12 0.32
CA VAL A 367 -6.76 11.84 -0.67
C VAL A 367 -5.43 11.95 0.06
N TYR A 368 -5.24 13.07 0.75
CA TYR A 368 -4.20 13.21 1.79
C TYR A 368 -4.95 13.38 3.10
N GLN A 369 -4.25 13.33 4.24
CA GLN A 369 -5.04 13.55 5.51
C GLN A 369 -5.70 14.93 5.44
N GLU A 370 -4.93 15.96 5.09
N GLU A 370 -4.86 15.92 5.31
CA GLU A 370 -5.41 17.35 4.76
CA GLU A 370 -5.32 17.26 5.15
C GLU A 370 -5.49 17.69 3.25
C GLU A 370 -5.80 17.39 3.72
N MET A 371 -6.64 18.19 2.77
N MET A 371 -6.44 18.51 3.36
CA MET A 371 -6.78 18.50 1.36
CA MET A 371 -6.70 18.79 1.93
C MET A 371 -5.83 19.66 1.15
C MET A 371 -5.69 19.80 1.30
N PRO A 372 -4.89 19.41 0.27
CA PRO A 372 -4.00 20.48 -0.29
C PRO A 372 -4.81 21.62 -0.87
N ALA A 373 -4.25 22.80 -0.82
CA ALA A 373 -5.01 23.95 -1.29
C ALA A 373 -5.41 23.77 -2.76
N GLN A 374 -4.56 23.17 -3.59
CA GLN A 374 -4.94 23.00 -4.98
C GLN A 374 -6.07 22.02 -5.14
N LEU A 375 -6.19 21.05 -4.24
CA LEU A 375 -7.32 20.15 -4.28
C LEU A 375 -8.59 20.83 -3.78
N ARG A 376 -8.46 21.67 -2.76
CA ARG A 376 -9.59 22.50 -2.31
C ARG A 376 -10.08 23.38 -3.47
N LYS A 377 -9.17 23.92 -4.27
CA LYS A 377 -9.58 24.74 -5.41
C LYS A 377 -10.45 23.88 -6.37
N GLN A 378 -10.05 22.62 -6.58
CA GLN A 378 -10.88 21.75 -7.45
C GLN A 378 -12.22 21.46 -6.83
N GLN A 379 -12.27 21.23 -5.51
N GLN A 379 -12.27 21.24 -5.51
CA GLN A 379 -13.56 21.10 -4.79
CA GLN A 379 -13.55 21.06 -4.82
C GLN A 379 -14.44 22.31 -5.04
C GLN A 379 -14.44 22.30 -4.99
N GLU A 380 -13.84 23.49 -4.89
CA GLU A 380 -14.62 24.72 -5.06
C GLU A 380 -15.11 24.83 -6.49
N SER A 381 -14.31 24.38 -7.44
N SER A 381 -14.29 24.40 -7.44
CA SER A 381 -14.73 24.47 -8.83
CA SER A 381 -14.67 24.41 -8.84
C SER A 381 -15.88 23.51 -9.14
C SER A 381 -15.93 23.56 -9.05
N LEU A 382 -15.92 22.35 -8.50
CA LEU A 382 -17.08 21.48 -8.66
C LEU A 382 -18.33 22.15 -8.06
N ALA A 383 -18.19 22.80 -6.92
CA ALA A 383 -19.35 23.40 -6.24
C ALA A 383 -19.84 24.50 -7.16
N ARG A 384 -18.99 25.34 -7.72
CA ARG A 384 -19.46 26.37 -8.67
C ARG A 384 -20.12 25.73 -9.87
N HIS A 385 -19.52 24.65 -10.38
CA HIS A 385 -20.06 23.98 -11.54
C HIS A 385 -21.48 23.49 -11.31
N LEU A 386 -21.73 22.92 -10.14
CA LEU A 386 -23.05 22.39 -9.82
C LEU A 386 -24.06 23.49 -9.57
N GLN A 387 -23.62 24.65 -9.14
CA GLN A 387 -24.52 25.79 -9.02
C GLN A 387 -25.11 26.17 -10.36
N THR A 388 -24.29 26.18 -11.41
CA THR A 388 -24.76 26.55 -12.73
C THR A 388 -25.38 25.38 -13.50
N TYR A 389 -24.78 24.20 -13.41
CA TYR A 389 -25.14 23.11 -14.30
C TYR A 389 -25.79 21.94 -13.55
N GLY A 390 -26.17 22.15 -12.29
CA GLY A 390 -26.64 21.03 -11.44
C GLY A 390 -27.82 20.23 -11.98
N GLU A 391 -28.67 20.86 -12.81
CA GLU A 391 -29.79 20.13 -13.39
C GLU A 391 -29.36 18.92 -14.21
N HIS A 392 -28.11 18.92 -14.65
CA HIS A 392 -27.57 17.86 -15.48
C HIS A 392 -26.97 16.72 -14.67
N TYR A 393 -27.03 16.78 -13.33
CA TYR A 393 -26.38 15.79 -12.50
C TYR A 393 -27.41 15.08 -11.65
N PRO A 394 -27.13 13.83 -11.29
CA PRO A 394 -28.14 13.00 -10.62
C PRO A 394 -28.14 13.34 -9.15
N LEU A 395 -28.41 14.59 -8.82
CA LEU A 395 -28.26 15.10 -7.47
C LEU A 395 -29.40 14.80 -6.51
N ASP A 396 -30.46 14.19 -7.01
CA ASP A 396 -31.58 14.00 -6.12
C ASP A 396 -31.39 13.08 -4.88
N HIS A 397 -30.52 12.09 -4.95
CA HIS A 397 -30.38 11.28 -3.72
C HIS A 397 -28.91 11.40 -3.28
N PHE A 398 -28.21 12.51 -3.57
CA PHE A 398 -26.99 12.82 -2.84
C PHE A 398 -27.26 13.80 -1.70
N ASP A 399 -26.64 13.56 -0.54
CA ASP A 399 -26.77 14.41 0.67
C ASP A 399 -26.24 15.79 0.32
N LYS A 400 -26.84 16.76 1.02
CA LYS A 400 -26.65 18.21 0.91
C LYS A 400 -26.90 18.73 -0.49
N ALA B 2 33.18 18.01 -12.74
CA ALA B 2 31.88 18.16 -12.00
C ALA B 2 31.05 19.27 -12.64
N HIS B 3 29.76 19.00 -12.81
CA HIS B 3 28.89 19.85 -13.62
C HIS B 3 28.23 20.93 -12.77
N PHE B 4 28.50 20.91 -11.47
CA PHE B 4 27.81 21.84 -10.57
C PHE B 4 28.85 22.29 -9.55
N GLU B 14 19.39 29.33 13.38
CA GLU B 14 18.80 29.60 14.67
C GLU B 14 18.21 28.32 15.33
N TYR B 15 18.87 27.19 15.13
CA TYR B 15 18.34 25.88 15.60
C TYR B 15 19.29 25.10 16.54
N GLY B 16 20.10 25.84 17.27
CA GLY B 16 20.99 25.26 18.28
C GLY B 16 22.29 24.87 17.62
N GLN B 17 23.02 24.00 18.31
CA GLN B 17 24.35 23.68 17.88
C GLN B 17 24.29 22.97 16.52
N THR B 18 25.19 23.39 15.65
CA THR B 18 25.39 22.72 14.34
C THR B 18 26.75 22.05 14.21
N GLN B 19 26.88 21.13 13.26
CA GLN B 19 28.17 20.65 12.82
C GLN B 19 28.16 20.62 11.31
N LYS B 20 29.33 20.60 10.68
CA LYS B 20 29.39 20.45 9.27
C LYS B 20 28.99 19.01 8.98
N MET B 21 28.07 18.86 8.04
CA MET B 21 27.63 17.51 7.61
C MET B 21 27.53 17.53 6.13
N ASN B 22 27.94 16.46 5.46
CA ASN B 22 27.59 16.30 4.09
C ASN B 22 26.13 15.75 3.99
N LEU B 23 25.67 15.49 2.80
N LEU B 23 25.67 15.53 2.78
CA LEU B 23 24.24 15.13 2.70
CA LEU B 23 24.29 15.08 2.60
C LEU B 23 24.04 13.69 3.24
C LEU B 23 24.10 13.76 3.33
N PHE B 24 24.97 12.78 3.07
CA PHE B 24 24.70 11.47 3.72
C PHE B 24 24.65 11.57 5.25
N GLN B 25 25.53 12.39 5.81
CA GLN B 25 25.55 12.57 7.26
C GLN B 25 24.29 13.22 7.74
N SER B 26 23.77 14.18 6.96
CA SER B 26 22.53 14.86 7.36
C SER B 26 21.36 13.90 7.37
N VAL B 27 21.36 12.96 6.43
CA VAL B 27 20.30 11.93 6.41
C VAL B 27 20.46 11.05 7.66
N THR B 28 21.69 10.62 8.00
CA THR B 28 21.85 9.81 9.21
C THR B 28 21.40 10.54 10.44
N SER B 29 21.66 11.84 10.48
CA SER B 29 21.24 12.65 11.63
C SER B 29 19.72 12.73 11.72
N ALA B 30 19.02 12.95 10.61
CA ALA B 30 17.57 12.91 10.63
C ALA B 30 17.07 11.58 11.11
N LEU B 31 17.65 10.49 10.60
CA LEU B 31 17.15 9.17 10.98
C LEU B 31 17.43 8.88 12.45
N ASP B 32 18.59 9.28 12.96
CA ASP B 32 18.92 9.12 14.37
C ASP B 32 17.95 9.91 15.22
N ASN B 33 17.74 11.18 14.89
CA ASN B 33 16.79 12.01 15.65
C ASN B 33 15.42 11.34 15.63
N SER B 34 15.01 10.74 14.49
CA SER B 34 13.68 10.13 14.43
C SER B 34 13.56 8.92 15.32
N LEU B 35 14.54 8.04 15.30
N LEU B 35 14.56 8.04 15.27
CA LEU B 35 14.44 6.82 16.10
CA LEU B 35 14.60 6.82 16.10
C LEU B 35 14.66 7.10 17.62
C LEU B 35 14.51 7.22 17.55
N ALA B 36 15.31 8.21 17.94
CA ALA B 36 15.37 8.65 19.32
C ALA B 36 14.05 9.12 19.84
N LYS B 37 13.29 9.83 19.03
CA LYS B 37 12.10 10.45 19.59
C LYS B 37 10.84 9.69 19.30
N ASP B 38 10.89 8.68 18.43
CA ASP B 38 9.71 7.91 18.08
C ASP B 38 10.00 6.43 18.29
N PRO B 39 9.60 5.83 19.39
CA PRO B 39 9.94 4.43 19.67
C PRO B 39 9.34 3.44 18.69
N THR B 40 8.35 3.85 17.92
CA THR B 40 7.76 2.92 16.90
C THR B 40 8.59 2.83 15.64
N ALA B 41 9.50 3.78 15.43
CA ALA B 41 10.12 3.91 14.11
C ALA B 41 11.09 2.80 13.85
N VAL B 42 11.05 2.32 12.60
CA VAL B 42 12.02 1.33 12.14
C VAL B 42 12.49 1.72 10.73
N ILE B 43 13.69 1.24 10.40
CA ILE B 43 14.35 1.56 9.12
C ILE B 43 14.73 0.21 8.50
N PHE B 44 14.42 0.01 7.23
CA PHE B 44 14.67 -1.30 6.63
C PHE B 44 14.79 -1.17 5.13
N GLY B 45 15.47 -2.15 4.56
CA GLY B 45 15.66 -2.20 3.11
C GLY B 45 16.85 -3.07 2.84
N GLU B 46 17.37 -3.01 1.61
CA GLU B 46 18.56 -3.82 1.26
C GLU B 46 19.82 -3.16 1.78
N ASP B 47 20.54 -3.95 2.58
CA ASP B 47 21.88 -3.58 3.04
C ASP B 47 21.87 -2.37 3.93
N VAL B 48 20.78 -2.13 4.62
CA VAL B 48 20.80 -1.00 5.55
C VAL B 48 21.49 -1.31 6.86
N ALA B 49 21.59 -2.57 7.24
CA ALA B 49 22.09 -2.88 8.60
C ALA B 49 23.54 -2.48 8.77
N PHE B 50 24.39 -2.71 7.78
CA PHE B 50 25.81 -2.38 7.93
C PHE B 50 26.02 -0.92 7.67
N GLY B 51 24.98 -0.16 7.40
CA GLY B 51 25.16 1.27 7.15
C GLY B 51 24.78 1.78 5.80
N GLY B 52 24.46 0.86 4.92
CA GLY B 52 23.97 1.22 3.58
C GLY B 52 25.09 1.40 2.58
N VAL B 53 24.74 1.30 1.31
CA VAL B 53 25.75 1.45 0.25
C VAL B 53 26.17 2.87 0.07
N PHE B 54 25.43 3.82 0.62
CA PHE B 54 25.85 5.22 0.60
C PHE B 54 26.08 5.76 2.00
N ARG B 55 26.19 4.85 2.96
N ARG B 55 26.21 4.90 2.99
N ARG B 55 26.15 4.85 2.97
CA ARG B 55 26.49 5.10 4.37
CA ARG B 55 26.57 5.31 4.38
CA ARG B 55 26.50 5.11 4.37
C ARG B 55 25.44 5.83 5.16
C ARG B 55 25.46 6.06 5.11
C ARG B 55 25.46 5.92 5.14
N CYS B 56 24.25 6.00 4.60
CA CYS B 56 23.18 6.80 5.25
C CYS B 56 22.71 6.21 6.56
N THR B 57 22.92 4.91 6.82
CA THR B 57 22.41 4.33 8.07
C THR B 57 23.50 3.85 8.99
N VAL B 58 24.71 4.38 8.80
CA VAL B 58 25.84 3.93 9.63
C VAL B 58 25.55 4.20 11.10
N GLY B 59 25.83 3.20 11.91
CA GLY B 59 25.76 3.35 13.35
C GLY B 59 24.38 3.14 13.95
N LEU B 60 23.35 3.13 13.13
CA LEU B 60 21.99 3.19 13.64
C LEU B 60 21.54 1.85 14.23
N ARG B 61 21.95 0.74 13.61
CA ARG B 61 21.59 -0.54 14.14
C ARG B 61 22.29 -0.75 15.49
N ASP B 62 23.55 -0.38 15.59
CA ASP B 62 24.22 -0.56 16.90
C ASP B 62 23.55 0.29 17.96
N LYS B 63 23.09 1.47 17.60
CA LYS B 63 22.51 2.42 18.60
C LYS B 63 21.11 2.04 18.99
N TYR B 64 20.32 1.57 18.03
CA TYR B 64 18.84 1.41 18.23
C TYR B 64 18.37 -0.03 18.23
N GLY B 65 19.19 -0.94 17.75
CA GLY B 65 18.85 -2.36 17.85
C GLY B 65 18.49 -2.98 16.51
N LYS B 66 18.77 -4.27 16.45
CA LYS B 66 18.58 -5.05 15.25
C LYS B 66 17.11 -5.17 14.86
N ASP B 67 16.22 -5.02 15.81
CA ASP B 67 14.80 -5.08 15.50
C ASP B 67 14.31 -3.79 14.86
N ARG B 68 15.11 -2.73 14.95
CA ARG B 68 14.71 -1.44 14.41
C ARG B 68 15.47 -0.98 13.22
N VAL B 69 16.60 -1.56 12.89
CA VAL B 69 17.32 -1.18 11.67
C VAL B 69 17.80 -2.49 11.07
N PHE B 70 17.17 -2.92 9.98
CA PHE B 70 17.37 -4.29 9.57
C PHE B 70 17.24 -4.43 8.09
N ASN B 71 17.90 -5.48 7.58
CA ASN B 71 17.89 -5.82 6.17
C ASN B 71 16.69 -6.66 5.82
N THR B 72 16.18 -6.41 4.63
CA THR B 72 15.15 -7.26 4.06
C THR B 72 15.76 -8.15 2.99
N PRO B 73 14.96 -9.12 2.55
CA PRO B 73 15.29 -9.77 1.25
C PRO B 73 15.29 -8.77 0.11
N LEU B 74 15.87 -9.22 -0.98
CA LEU B 74 16.09 -8.36 -2.16
C LEU B 74 14.87 -8.32 -3.04
N CYS B 75 13.92 -7.49 -2.65
CA CYS B 75 12.62 -7.49 -3.32
C CYS B 75 11.97 -6.17 -3.04
N GLU B 76 12.02 -5.23 -4.00
CA GLU B 76 11.47 -3.93 -3.77
C GLU B 76 10.00 -3.89 -3.60
N GLN B 77 9.24 -4.71 -4.35
CA GLN B 77 7.84 -4.71 -4.11
C GLN B 77 7.52 -5.12 -2.69
N GLY B 78 8.32 -6.08 -2.16
CA GLY B 78 8.15 -6.53 -0.79
C GLY B 78 8.50 -5.43 0.19
N ILE B 79 9.58 -4.70 -0.04
CA ILE B 79 9.98 -3.62 0.88
C ILE B 79 8.87 -2.64 1.06
N VAL B 80 8.24 -2.19 -0.04
CA VAL B 80 7.24 -1.16 0.06
C VAL B 80 5.96 -1.77 0.65
N GLY B 81 5.54 -2.96 0.18
CA GLY B 81 4.36 -3.54 0.80
C GLY B 81 4.53 -3.72 2.30
N PHE B 82 5.69 -4.26 2.71
CA PHE B 82 5.99 -4.44 4.11
C PHE B 82 5.91 -3.13 4.86
N GLY B 83 6.50 -2.08 4.28
CA GLY B 83 6.46 -0.78 4.96
C GLY B 83 5.06 -0.23 5.10
N ILE B 84 4.22 -0.43 4.07
CA ILE B 84 2.80 -0.04 4.17
C ILE B 84 2.16 -0.74 5.35
N GLY B 85 2.42 -2.06 5.47
CA GLY B 85 1.81 -2.80 6.57
C GLY B 85 2.24 -2.32 7.93
N ILE B 86 3.53 -2.04 8.09
CA ILE B 86 3.97 -1.44 9.39
C ILE B 86 3.17 -0.18 9.63
N ALA B 87 3.06 0.68 8.62
CA ALA B 87 2.40 1.96 8.83
C ALA B 87 0.91 1.82 9.09
N VAL B 88 0.26 0.76 8.53
CA VAL B 88 -1.17 0.51 8.84
C VAL B 88 -1.37 0.34 10.31
N THR B 89 -0.40 -0.17 11.05
CA THR B 89 -0.57 -0.33 12.49
C THR B 89 -0.23 0.94 13.23
N GLY B 90 0.22 2.00 12.56
CA GLY B 90 0.50 3.27 13.21
C GLY B 90 1.96 3.50 13.47
N ALA B 91 2.82 2.50 13.24
CA ALA B 91 4.25 2.63 13.49
C ALA B 91 4.92 3.33 12.32
N THR B 92 5.95 4.12 12.64
CA THR B 92 6.68 4.81 11.62
C THR B 92 7.60 3.84 10.85
N ALA B 93 7.47 3.85 9.52
CA ALA B 93 8.20 2.91 8.69
C ALA B 93 9.02 3.71 7.73
N ILE B 94 10.37 3.56 7.82
CA ILE B 94 11.24 4.32 6.94
C ILE B 94 11.92 3.29 6.01
N ALA B 95 11.39 3.14 4.82
CA ALA B 95 11.87 2.14 3.88
C ALA B 95 12.96 2.74 3.01
N GLU B 96 13.97 1.98 2.67
CA GLU B 96 14.97 2.42 1.71
C GLU B 96 14.88 1.63 0.44
N ILE B 97 14.94 2.35 -0.69
CA ILE B 97 15.06 1.72 -2.05
C ILE B 97 16.44 2.08 -2.49
N GLN B 98 17.26 1.09 -2.90
CA GLN B 98 18.69 1.33 -2.94
C GLN B 98 19.16 2.38 -3.94
N PHE B 99 18.47 2.39 -5.09
CA PHE B 99 18.61 3.46 -6.13
C PHE B 99 17.23 3.78 -6.61
N ALA B 100 16.94 5.04 -6.92
CA ALA B 100 15.59 5.36 -7.38
C ALA B 100 15.26 4.60 -8.66
N ASP B 101 16.24 4.23 -9.45
CA ASP B 101 16.03 3.45 -10.68
C ASP B 101 15.37 2.15 -10.38
N TYR B 102 15.48 1.63 -9.17
CA TYR B 102 14.95 0.30 -8.77
C TYR B 102 13.70 0.48 -7.97
N ILE B 103 13.05 1.66 -7.99
CA ILE B 103 11.81 1.81 -7.28
C ILE B 103 10.65 1.19 -8.12
N PHE B 104 10.84 0.97 -9.42
CA PHE B 104 9.72 0.58 -10.25
C PHE B 104 9.10 -0.76 -9.96
N PRO B 105 9.81 -1.73 -9.42
CA PRO B 105 9.08 -2.94 -8.97
C PRO B 105 8.03 -2.67 -7.93
N ALA B 106 8.21 -1.61 -7.17
CA ALA B 106 7.26 -1.20 -6.15
C ALA B 106 6.23 -0.24 -6.66
N PHE B 107 6.18 0.06 -7.96
CA PHE B 107 5.29 1.10 -8.41
C PHE B 107 3.86 0.76 -8.11
N ASP B 108 3.43 -0.48 -8.23
CA ASP B 108 2.06 -0.82 -7.93
C ASP B 108 1.76 -0.63 -6.45
N GLN B 109 2.67 -1.06 -5.56
CA GLN B 109 2.43 -0.84 -4.16
C GLN B 109 2.38 0.62 -3.84
N ILE B 110 3.15 1.46 -4.50
CA ILE B 110 3.10 2.90 -4.21
C ILE B 110 1.84 3.51 -4.78
N VAL B 111 1.54 3.28 -6.06
CA VAL B 111 0.45 4.03 -6.73
C VAL B 111 -0.89 3.42 -6.40
N ASN B 112 -1.05 2.09 -6.49
CA ASN B 112 -2.35 1.51 -6.27
C ASN B 112 -2.62 1.31 -4.81
N GLU B 113 -1.60 1.20 -3.95
CA GLU B 113 -1.85 0.89 -2.54
C GLU B 113 -1.53 2.09 -1.66
N ALA B 114 -0.26 2.46 -1.52
CA ALA B 114 0.05 3.52 -0.51
C ALA B 114 -0.74 4.78 -0.80
N ALA B 115 -0.74 5.21 -2.07
CA ALA B 115 -1.37 6.51 -2.35
C ALA B 115 -2.85 6.53 -2.12
N LYS B 116 -3.50 5.37 -2.26
CA LYS B 116 -4.97 5.30 -2.21
C LYS B 116 -5.49 4.75 -0.89
N TYR B 117 -4.60 4.40 0.04
CA TYR B 117 -4.98 3.67 1.24
C TYR B 117 -6.00 4.43 2.08
N ARG B 118 -5.72 5.71 2.31
CA ARG B 118 -6.62 6.50 3.22
C ARG B 118 -7.93 6.77 2.47
N TYR B 119 -7.83 7.17 1.21
CA TYR B 119 -9.02 7.56 0.48
C TYR B 119 -9.99 6.36 0.42
N ARG B 120 -9.48 5.24 -0.01
CA ARG B 120 -10.37 4.13 -0.35
C ARG B 120 -10.97 3.55 0.90
N SER B 121 -10.42 3.78 2.07
CA SER B 121 -10.99 3.24 3.29
C SER B 121 -11.84 4.25 4.02
N GLY B 122 -12.04 5.44 3.44
CA GLY B 122 -12.76 6.52 4.18
C GLY B 122 -12.02 6.96 5.42
N ASP B 123 -10.69 6.82 5.43
CA ASP B 123 -9.89 7.14 6.60
C ASP B 123 -10.09 6.16 7.73
N LEU B 124 -10.56 4.94 7.44
CA LEU B 124 -10.55 3.90 8.48
C LEU B 124 -9.15 3.34 8.63
N PHE B 125 -8.33 3.35 7.54
CA PHE B 125 -6.95 2.86 7.62
C PHE B 125 -6.10 3.82 6.84
N ASN B 126 -4.80 3.84 7.17
CA ASN B 126 -3.93 4.70 6.40
C ASN B 126 -2.53 4.16 6.51
N CYS B 127 -1.66 4.71 5.68
CA CYS B 127 -0.21 4.39 5.81
C CYS B 127 0.58 5.68 5.86
N GLY B 128 0.04 6.68 6.55
CA GLY B 128 0.71 7.97 6.60
C GLY B 128 2.08 7.93 7.21
N SER B 129 2.33 6.95 8.11
CA SER B 129 3.59 6.90 8.78
C SER B 129 4.68 6.23 7.96
N LEU B 130 4.45 5.99 6.66
CA LEU B 130 5.48 5.50 5.74
C LEU B 130 6.21 6.67 5.06
N THR B 131 7.55 6.49 5.01
CA THR B 131 8.44 7.32 4.18
C THR B 131 9.28 6.33 3.41
N ILE B 132 9.42 6.59 2.11
CA ILE B 132 10.36 5.79 1.29
C ILE B 132 11.50 6.74 0.91
N ARG B 133 12.72 6.36 1.23
CA ARG B 133 13.83 7.24 0.83
C ARG B 133 14.67 6.50 -0.18
N SER B 134 15.21 7.24 -1.16
CA SER B 134 15.97 6.56 -2.23
C SER B 134 16.96 7.56 -2.84
N PRO B 135 18.19 7.14 -3.11
CA PRO B 135 19.16 7.91 -3.87
C PRO B 135 18.65 8.23 -5.22
N TRP B 136 18.97 9.38 -5.78
CA TRP B 136 18.31 9.90 -6.98
C TRP B 136 19.29 10.72 -7.80
N GLY B 137 19.01 10.83 -9.11
CA GLY B 137 19.74 11.77 -9.96
C GLY B 137 21.07 11.27 -10.48
N CYS B 138 21.63 12.09 -11.35
CA CYS B 138 22.85 11.63 -12.00
C CYS B 138 24.05 11.58 -11.10
N VAL B 139 25.09 10.88 -11.49
CA VAL B 139 26.24 10.71 -10.62
C VAL B 139 27.50 10.65 -11.46
N GLY B 140 27.50 11.13 -12.70
CA GLY B 140 28.70 11.19 -13.52
C GLY B 140 28.91 10.01 -14.48
N HIS B 141 28.56 8.81 -13.99
N HIS B 141 28.64 8.79 -13.98
CA HIS B 141 28.87 7.54 -14.69
CA HIS B 141 28.88 7.62 -14.82
C HIS B 141 27.89 6.44 -14.33
C HIS B 141 27.87 6.52 -14.53
N GLY B 142 26.73 6.84 -13.88
CA GLY B 142 25.76 5.83 -13.46
C GLY B 142 24.96 5.19 -14.59
N ALA B 143 24.98 5.78 -15.76
CA ALA B 143 24.29 5.23 -16.93
C ALA B 143 22.84 5.00 -16.70
N LEU B 144 22.25 3.94 -17.23
CA LEU B 144 20.79 3.92 -17.34
C LEU B 144 20.13 3.68 -16.02
N TYR B 145 20.79 2.96 -15.12
CA TYR B 145 20.14 2.43 -13.93
C TYR B 145 20.70 2.88 -12.62
N HIS B 146 21.54 3.89 -12.62
N HIS B 146 21.64 3.82 -12.69
N HIS B 146 21.67 3.78 -12.65
CA HIS B 146 21.99 4.45 -11.35
CA HIS B 146 22.20 4.45 -11.47
CA HIS B 146 22.11 4.45 -11.41
C HIS B 146 21.95 5.97 -11.40
C HIS B 146 21.98 5.97 -11.43
C HIS B 146 22.12 5.98 -11.57
N SER B 147 21.18 6.48 -12.38
CA SER B 147 21.11 7.93 -12.64
C SER B 147 19.72 8.48 -12.70
N GLN B 148 18.70 7.66 -12.60
CA GLN B 148 17.39 8.19 -12.98
C GLN B 148 16.83 9.19 -11.98
N SER B 149 15.92 10.03 -12.48
N SER B 149 15.88 9.96 -12.53
CA SER B 149 15.22 10.96 -11.61
CA SER B 149 15.11 10.99 -11.83
C SER B 149 13.70 10.76 -11.88
C SER B 149 13.60 10.66 -12.00
N PRO B 150 13.02 9.82 -11.17
CA PRO B 150 11.66 9.35 -11.52
C PRO B 150 10.52 10.22 -10.99
N GLU B 151 10.79 11.45 -10.54
CA GLU B 151 9.72 12.18 -9.87
C GLU B 151 8.49 12.41 -10.68
N ALA B 152 8.61 12.60 -12.01
CA ALA B 152 7.39 12.86 -12.82
C ALA B 152 6.49 11.65 -12.90
N PHE B 153 7.05 10.44 -12.74
CA PHE B 153 6.15 9.24 -12.75
C PHE B 153 5.29 9.32 -11.49
N PHE B 154 5.80 9.75 -10.34
CA PHE B 154 5.05 9.80 -9.11
C PHE B 154 4.15 11.01 -9.02
N ALA B 155 4.50 12.07 -9.75
CA ALA B 155 3.70 13.31 -9.65
C ALA B 155 2.29 13.13 -10.15
N HIS B 156 2.03 12.12 -10.97
CA HIS B 156 0.70 11.93 -11.47
C HIS B 156 -0.15 11.01 -10.56
N CYS B 157 0.29 10.77 -9.33
N CYS B 157 0.33 10.79 -9.33
CA CYS B 157 -0.43 9.88 -8.44
CA CYS B 157 -0.27 9.94 -8.27
C CYS B 157 -0.90 10.59 -7.16
C CYS B 157 -0.87 10.72 -7.11
N PRO B 158 -2.14 11.11 -7.15
CA PRO B 158 -2.75 11.72 -5.94
C PRO B 158 -2.61 10.78 -4.75
N GLY B 159 -2.17 11.35 -3.63
CA GLY B 159 -2.13 10.62 -2.34
C GLY B 159 -0.74 10.36 -1.85
N ILE B 160 0.29 10.63 -2.69
CA ILE B 160 1.65 10.58 -2.18
C ILE B 160 2.28 11.94 -2.28
N LYS B 161 3.31 12.14 -1.43
CA LYS B 161 4.10 13.37 -1.54
C LYS B 161 5.47 12.97 -2.02
N VAL B 162 6.10 13.88 -2.79
CA VAL B 162 7.42 13.61 -3.36
C VAL B 162 8.29 14.84 -3.08
N VAL B 163 9.43 14.60 -2.44
CA VAL B 163 10.24 15.71 -1.88
C VAL B 163 11.66 15.46 -2.22
N ILE B 164 12.36 16.52 -2.62
CA ILE B 164 13.74 16.42 -3.12
C ILE B 164 14.49 17.63 -2.55
N PRO B 165 15.51 17.41 -1.70
CA PRO B 165 16.31 18.51 -1.14
C PRO B 165 17.48 18.89 -2.03
N ARG B 166 18.01 20.08 -1.75
CA ARG B 166 19.16 20.55 -2.53
C ARG B 166 20.48 20.56 -1.76
N SER B 167 20.45 20.28 -0.45
CA SER B 167 21.65 20.45 0.37
C SER B 167 21.50 19.69 1.66
N PRO B 168 22.56 19.56 2.46
CA PRO B 168 22.50 18.88 3.77
C PRO B 168 21.51 19.49 4.77
N PHE B 169 21.53 20.81 4.94
CA PHE B 169 20.59 21.41 5.83
C PHE B 169 19.15 21.20 5.36
N GLN B 170 18.95 21.33 4.03
CA GLN B 170 17.61 21.15 3.49
C GLN B 170 17.21 19.68 3.64
N ALA B 171 18.11 18.76 3.41
CA ALA B 171 17.74 17.34 3.46
C ALA B 171 17.28 16.94 4.86
N LYS B 172 17.99 17.33 5.90
CA LYS B 172 17.61 16.85 7.22
C LYS B 172 16.23 17.43 7.58
N GLY B 173 16.01 18.71 7.33
CA GLY B 173 14.74 19.32 7.72
C GLY B 173 13.57 18.79 6.91
N LEU B 174 13.82 18.50 5.62
CA LEU B 174 12.72 17.99 4.76
C LEU B 174 12.50 16.53 5.06
N LEU B 175 13.55 15.77 5.36
CA LEU B 175 13.34 14.37 5.71
C LEU B 175 12.61 14.22 7.02
N LEU B 176 12.95 15.00 8.04
CA LEU B 176 12.17 14.91 9.27
C LEU B 176 10.71 15.29 8.99
N SER B 177 10.46 16.32 8.17
CA SER B 177 9.06 16.61 7.83
C SER B 177 8.38 15.45 7.11
N CYS B 178 9.07 14.77 6.19
CA CYS B 178 8.40 13.62 5.55
C CYS B 178 8.11 12.54 6.61
N ILE B 179 9.07 12.22 7.48
CA ILE B 179 8.89 11.14 8.42
C ILE B 179 7.68 11.43 9.31
N GLU B 180 7.50 12.68 9.67
CA GLU B 180 6.43 13.04 10.59
C GLU B 180 5.12 13.38 9.89
N ASP B 181 5.15 13.63 8.58
CA ASP B 181 3.92 13.95 7.82
C ASP B 181 3.01 12.77 7.84
N LYS B 182 1.72 13.02 7.92
CA LYS B 182 0.72 11.95 8.01
C LYS B 182 0.29 11.50 6.65
N ASN B 183 1.20 11.40 5.70
CA ASN B 183 0.88 10.87 4.38
C ASN B 183 2.12 10.14 3.86
N PRO B 184 1.96 9.14 3.02
CA PRO B 184 3.13 8.41 2.52
C PRO B 184 3.94 9.35 1.64
N CYS B 185 5.24 9.39 1.90
CA CYS B 185 6.16 10.33 1.27
C CYS B 185 7.31 9.60 0.63
N ILE B 186 7.69 10.06 -0.55
CA ILE B 186 8.94 9.59 -1.20
C ILE B 186 9.93 10.73 -1.13
N PHE B 187 11.08 10.43 -0.53
CA PHE B 187 12.12 11.43 -0.34
C PHE B 187 13.31 11.00 -1.17
N PHE B 188 13.61 11.76 -2.21
CA PHE B 188 14.69 11.42 -3.16
C PHE B 188 15.95 12.23 -2.80
N GLU B 189 17.00 11.49 -2.55
CA GLU B 189 18.24 12.10 -2.03
C GLU B 189 19.23 12.21 -3.20
N PRO B 190 19.64 13.41 -3.62
CA PRO B 190 20.52 13.50 -4.77
C PRO B 190 21.90 12.92 -4.45
N LYS B 191 22.17 11.79 -5.09
CA LYS B 191 23.32 11.00 -4.63
C LYS B 191 24.66 11.65 -4.97
N ILE B 192 24.68 12.50 -6.01
N ILE B 192 24.71 12.49 -6.01
CA ILE B 192 25.94 13.17 -6.35
CA ILE B 192 25.96 13.19 -6.30
C ILE B 192 26.31 14.19 -5.26
C ILE B 192 26.38 14.04 -5.11
N LEU B 193 25.37 14.48 -4.34
CA LEU B 193 25.64 15.43 -3.24
C LEU B 193 26.01 14.68 -1.98
N TYR B 194 25.89 13.35 -1.94
CA TYR B 194 26.12 12.68 -0.67
C TYR B 194 27.42 13.02 -0.02
N ARG B 195 28.50 13.09 -0.79
CA ARG B 195 29.84 13.41 -0.23
C ARG B 195 30.37 14.70 -0.74
N ALA B 196 29.60 15.46 -1.45
CA ALA B 196 30.01 16.80 -1.89
C ALA B 196 30.19 17.72 -0.65
N ALA B 197 30.29 19.02 -0.90
CA ALA B 197 30.57 19.97 0.21
C ALA B 197 29.66 19.84 1.43
N ALA B 198 30.25 19.89 2.63
CA ALA B 198 29.43 19.89 3.78
C ALA B 198 28.81 21.27 3.93
N GLU B 199 27.85 21.37 4.84
CA GLU B 199 27.49 22.68 5.40
C GLU B 199 26.99 22.47 6.83
N GLU B 200 26.77 23.58 7.54
CA GLU B 200 26.39 23.48 8.92
C GLU B 200 24.99 22.97 9.01
N VAL B 201 24.78 21.90 9.82
CA VAL B 201 23.44 21.32 9.96
C VAL B 201 23.18 21.16 11.48
N PRO B 202 22.05 21.64 11.99
CA PRO B 202 21.70 21.42 13.40
C PRO B 202 21.73 19.94 13.80
N ILE B 203 22.25 19.68 15.00
CA ILE B 203 22.34 18.33 15.54
C ILE B 203 20.99 17.79 16.02
N GLU B 204 20.16 18.71 16.53
CA GLU B 204 18.87 18.32 17.05
C GLU B 204 17.81 18.46 15.95
N PRO B 205 16.65 17.90 16.14
CA PRO B 205 15.66 17.92 15.06
C PRO B 205 15.09 19.28 14.78
N TYR B 206 14.69 19.48 13.53
CA TYR B 206 14.06 20.70 13.08
C TYR B 206 13.33 20.30 11.81
N ASN B 207 12.40 21.12 11.38
CA ASN B 207 11.57 20.78 10.24
C ASN B 207 11.56 21.89 9.22
N ILE B 208 11.46 21.53 7.95
CA ILE B 208 11.27 22.48 6.85
C ILE B 208 9.93 22.06 6.26
N PRO B 209 8.99 22.98 6.03
CA PRO B 209 7.69 22.59 5.58
C PRO B 209 7.69 21.97 4.20
N LEU B 210 6.77 21.03 4.02
CA LEU B 210 6.49 20.47 2.69
C LEU B 210 5.58 21.40 1.94
N SER B 211 5.58 21.24 0.62
CA SER B 211 4.76 21.99 -0.32
C SER B 211 5.07 23.47 -0.24
N GLN B 212 6.33 23.78 0.06
CA GLN B 212 6.77 25.18 0.15
C GLN B 212 8.08 25.31 -0.68
N ALA B 213 8.04 26.11 -1.75
CA ALA B 213 9.28 26.42 -2.45
C ALA B 213 10.10 27.43 -1.69
N GLU B 214 11.36 27.57 -2.04
CA GLU B 214 12.19 28.60 -1.40
C GLU B 214 12.79 29.47 -2.47
N VAL B 215 12.56 30.79 -2.35
CA VAL B 215 13.28 31.74 -3.20
C VAL B 215 14.65 31.92 -2.57
N ILE B 216 15.68 31.42 -3.22
CA ILE B 216 17.02 31.50 -2.61
C ILE B 216 17.78 32.74 -3.08
N GLN B 217 17.35 33.34 -4.18
CA GLN B 217 17.93 34.64 -4.63
C GLN B 217 16.83 35.43 -5.26
N GLU B 218 16.60 36.66 -4.78
CA GLU B 218 15.57 37.50 -5.41
C GLU B 218 16.08 38.07 -6.72
N GLY B 219 15.17 38.31 -7.66
CA GLY B 219 15.57 38.94 -8.90
C GLY B 219 14.36 39.44 -9.64
N SER B 220 14.58 40.22 -10.69
CA SER B 220 13.43 40.90 -11.27
C SER B 220 13.16 40.67 -12.74
N ASP B 221 14.08 40.05 -13.48
CA ASP B 221 13.89 39.88 -14.93
C ASP B 221 13.44 38.51 -15.37
N VAL B 222 13.74 37.49 -14.57
CA VAL B 222 13.38 36.15 -14.98
C VAL B 222 13.37 35.28 -13.76
N THR B 223 12.47 34.32 -13.77
CA THR B 223 12.39 33.35 -12.70
C THR B 223 13.00 32.04 -13.20
N LEU B 224 13.88 31.44 -12.40
CA LEU B 224 14.46 30.10 -12.70
C LEU B 224 14.01 29.16 -11.61
N VAL B 225 13.49 28.00 -11.99
CA VAL B 225 12.99 27.02 -11.04
C VAL B 225 13.68 25.68 -11.27
N ALA B 226 14.13 25.03 -10.19
CA ALA B 226 14.69 23.70 -10.32
C ALA B 226 14.58 23.05 -8.95
N TRP B 227 15.13 21.85 -8.84
CA TRP B 227 15.14 21.12 -7.57
C TRP B 227 16.35 20.19 -7.55
N GLY B 228 16.69 19.67 -6.36
CA GLY B 228 17.90 18.80 -6.25
C GLY B 228 19.14 19.53 -6.68
N THR B 229 20.05 18.80 -7.29
CA THR B 229 21.35 19.36 -7.66
C THR B 229 21.16 20.45 -8.68
N GLN B 230 20.08 20.37 -9.48
CA GLN B 230 19.90 21.36 -10.55
C GLN B 230 19.69 22.77 -10.00
N VAL B 231 19.32 22.88 -8.71
CA VAL B 231 19.27 24.25 -8.11
C VAL B 231 20.64 24.91 -8.12
N HIS B 232 21.70 24.10 -7.95
CA HIS B 232 23.03 24.71 -7.95
C HIS B 232 23.41 25.14 -9.35
N VAL B 233 22.90 24.43 -10.34
CA VAL B 233 23.15 24.81 -11.74
C VAL B 233 22.46 26.10 -12.05
N ILE B 234 21.20 26.25 -11.69
CA ILE B 234 20.54 27.52 -12.01
C ILE B 234 21.05 28.68 -11.18
N ARG B 235 21.54 28.43 -9.97
CA ARG B 235 22.22 29.50 -9.21
C ARG B 235 23.41 30.02 -10.00
N GLU B 236 24.18 29.11 -10.58
N GLU B 236 24.19 29.11 -10.59
CA GLU B 236 25.34 29.49 -11.37
CA GLU B 236 25.36 29.47 -11.39
C GLU B 236 24.88 30.23 -12.63
C GLU B 236 24.95 30.15 -12.70
N VAL B 237 23.84 29.71 -13.28
CA VAL B 237 23.27 30.41 -14.44
C VAL B 237 22.85 31.84 -14.12
N ALA B 238 22.25 32.06 -12.94
CA ALA B 238 21.85 33.41 -12.48
C ALA B 238 23.07 34.28 -12.44
N SER B 239 24.16 33.69 -11.97
CA SER B 239 25.41 34.46 -11.86
C SER B 239 25.97 34.78 -13.25
N MET B 240 25.94 33.83 -14.18
CA MET B 240 26.35 34.09 -15.57
C MET B 240 25.50 35.16 -16.25
N ALA B 241 24.20 35.09 -16.01
CA ALA B 241 23.29 36.04 -16.62
C ALA B 241 23.53 37.42 -16.09
N LYS B 242 23.81 37.52 -14.78
CA LYS B 242 24.06 38.84 -14.18
C LYS B 242 25.33 39.33 -14.80
N GLU B 243 26.37 38.51 -14.79
CA GLU B 243 27.68 38.98 -15.28
C GLU B 243 27.72 39.27 -16.79
N LYS B 244 27.18 38.38 -17.62
CA LYS B 244 27.30 38.43 -19.07
C LYS B 244 26.22 39.27 -19.70
N LEU B 245 25.03 39.31 -19.10
CA LEU B 245 23.91 39.97 -19.75
C LEU B 245 23.26 41.08 -18.93
N GLY B 246 23.69 41.25 -17.69
CA GLY B 246 23.06 42.25 -16.81
C GLY B 246 21.64 41.91 -16.47
N VAL B 247 21.32 40.61 -16.49
CA VAL B 247 19.98 40.16 -16.28
C VAL B 247 19.88 39.67 -14.83
N SER B 248 18.82 40.12 -14.13
CA SER B 248 18.56 39.76 -12.74
C SER B 248 17.61 38.57 -12.63
N CYS B 249 18.11 37.47 -12.09
CA CYS B 249 17.33 36.24 -12.03
C CYS B 249 16.86 35.94 -10.62
N GLU B 250 15.60 35.52 -10.49
CA GLU B 250 15.06 35.07 -9.22
C GLU B 250 15.19 33.54 -9.24
N VAL B 251 15.89 32.96 -8.25
CA VAL B 251 16.24 31.50 -8.27
C VAL B 251 15.40 30.83 -7.23
N ILE B 252 14.63 29.83 -7.67
CA ILE B 252 13.68 29.17 -6.77
C ILE B 252 13.94 27.67 -6.73
N ASP B 253 14.06 27.13 -5.53
CA ASP B 253 14.12 25.65 -5.30
C ASP B 253 12.71 25.17 -5.00
N LEU B 254 12.18 24.31 -5.85
CA LEU B 254 10.79 23.89 -5.65
C LEU B 254 10.64 23.05 -4.39
N ARG B 255 11.62 22.19 -4.11
CA ARG B 255 11.65 21.30 -2.90
C ARG B 255 10.60 20.18 -2.91
N THR B 256 9.30 20.52 -2.95
CA THR B 256 8.26 19.49 -2.99
C THR B 256 7.69 19.44 -4.38
N ILE B 257 7.79 18.24 -5.00
CA ILE B 257 7.22 18.05 -6.33
C ILE B 257 5.71 17.94 -6.31
N ILE B 258 5.18 17.12 -5.41
CA ILE B 258 3.75 17.16 -5.15
C ILE B 258 3.48 17.01 -3.68
N PRO B 259 2.44 17.71 -3.17
CA PRO B 259 1.75 18.85 -3.80
C PRO B 259 2.69 20.05 -3.86
N TRP B 260 2.77 20.69 -5.02
CA TRP B 260 3.80 21.71 -5.18
C TRP B 260 3.30 23.13 -4.86
N ASP B 261 4.25 24.03 -4.61
CA ASP B 261 3.94 25.40 -4.21
C ASP B 261 3.66 26.30 -5.42
N VAL B 262 2.44 26.19 -5.94
CA VAL B 262 2.04 26.96 -7.09
C VAL B 262 2.14 28.45 -6.78
N ASP B 263 1.73 28.87 -5.58
CA ASP B 263 1.63 30.29 -5.29
C ASP B 263 2.99 30.96 -5.33
N THR B 264 4.03 30.30 -4.83
CA THR B 264 5.32 31.01 -4.78
C THR B 264 5.82 31.17 -6.18
N ILE B 265 5.65 30.14 -7.00
CA ILE B 265 6.15 30.24 -8.39
C ILE B 265 5.38 31.28 -9.20
N CYS B 266 4.06 31.26 -9.07
CA CYS B 266 3.28 32.26 -9.83
C CYS B 266 3.53 33.67 -9.34
N LYS B 267 3.72 33.89 -8.04
CA LYS B 267 3.99 35.26 -7.52
C LYS B 267 5.31 35.73 -8.15
N SER B 268 6.30 34.84 -8.28
CA SER B 268 7.55 35.24 -8.91
C SER B 268 7.38 35.61 -10.36
N VAL B 269 6.67 34.77 -11.12
CA VAL B 269 6.50 35.04 -12.55
C VAL B 269 5.64 36.25 -12.84
N ILE B 270 4.66 36.53 -11.98
CA ILE B 270 3.88 37.75 -12.17
C ILE B 270 4.83 38.93 -12.07
N LYS B 271 5.78 38.87 -11.14
CA LYS B 271 6.81 39.92 -11.04
C LYS B 271 7.81 40.01 -12.21
N THR B 272 8.38 38.87 -12.60
CA THR B 272 9.45 38.90 -13.61
C THR B 272 8.93 38.85 -15.03
N GLY B 273 7.83 38.12 -15.26
CA GLY B 273 7.33 37.98 -16.60
C GLY B 273 7.96 36.89 -17.46
N ARG B 274 8.93 36.15 -16.91
N ARG B 274 8.94 36.16 -16.92
CA ARG B 274 9.60 35.14 -17.67
CA ARG B 274 9.62 35.12 -17.68
C ARG B 274 9.89 33.98 -16.74
C ARG B 274 10.06 33.98 -16.79
N LEU B 275 9.89 32.76 -17.28
CA LEU B 275 10.19 31.58 -16.47
C LEU B 275 10.97 30.56 -17.25
N LEU B 276 12.01 30.05 -16.62
CA LEU B 276 12.75 28.89 -17.18
C LEU B 276 12.77 27.84 -16.08
N ILE B 277 12.40 26.63 -16.45
CA ILE B 277 12.37 25.52 -15.46
C ILE B 277 13.36 24.48 -16.00
N SER B 278 14.12 23.86 -15.12
CA SER B 278 15.15 22.93 -15.55
C SER B 278 15.15 21.72 -14.67
N HIS B 279 15.29 20.54 -15.30
CA HIS B 279 15.43 19.31 -14.53
C HIS B 279 16.22 18.27 -15.30
N GLU B 280 16.94 17.40 -14.58
CA GLU B 280 17.69 16.32 -15.24
C GLU B 280 16.80 15.31 -15.96
N ALA B 281 15.58 15.08 -15.45
CA ALA B 281 14.73 14.05 -16.05
C ALA B 281 14.43 14.46 -17.50
N PRO B 282 14.07 13.49 -18.32
CA PRO B 282 13.68 13.82 -19.69
C PRO B 282 12.57 14.84 -19.82
N LEU B 283 12.65 15.58 -20.89
CA LEU B 283 11.66 16.61 -21.20
C LEU B 283 10.24 16.08 -21.23
N THR B 284 9.99 15.08 -22.04
CA THR B 284 8.57 14.76 -22.34
C THR B 284 7.94 14.07 -21.13
N GLY B 285 6.86 14.71 -20.67
CA GLY B 285 6.20 14.16 -19.46
C GLY B 285 6.90 14.53 -18.19
N GLY B 286 7.99 15.26 -18.27
CA GLY B 286 8.69 15.67 -17.01
C GLY B 286 7.91 16.69 -16.22
N PHE B 287 8.36 16.91 -15.01
CA PHE B 287 7.51 17.76 -14.16
C PHE B 287 7.55 19.21 -14.55
N ALA B 288 8.56 19.64 -15.34
CA ALA B 288 8.50 21.03 -15.87
C ALA B 288 7.24 21.27 -16.69
N SER B 289 6.70 20.19 -17.30
N SER B 289 6.67 20.23 -17.34
CA SER B 289 5.49 20.30 -18.12
CA SER B 289 5.43 20.48 -18.13
C SER B 289 4.31 20.77 -17.27
C SER B 289 4.29 20.88 -17.21
N GLU B 290 4.19 20.24 -16.03
CA GLU B 290 3.12 20.67 -15.11
C GLU B 290 3.29 22.06 -14.61
N ILE B 291 4.52 22.43 -14.28
CA ILE B 291 4.77 23.83 -13.79
C ILE B 291 4.51 24.80 -14.92
N SER B 292 4.98 24.48 -16.11
CA SER B 292 4.80 25.41 -17.22
C SER B 292 3.34 25.62 -17.56
N SER B 293 2.61 24.53 -17.66
N SER B 293 2.59 24.52 -17.68
CA SER B 293 1.20 24.66 -18.06
CA SER B 293 1.14 24.65 -17.96
C SER B 293 0.35 25.32 -16.96
C SER B 293 0.45 25.51 -16.94
N THR B 294 0.70 25.19 -15.68
CA THR B 294 0.02 25.87 -14.60
C THR B 294 0.37 27.34 -14.55
N VAL B 295 1.63 27.68 -14.65
CA VAL B 295 2.04 29.09 -14.66
C VAL B 295 1.41 29.80 -15.82
N GLN B 296 1.38 29.17 -16.99
N GLN B 296 1.37 29.13 -16.97
CA GLN B 296 0.73 29.79 -18.14
CA GLN B 296 0.77 29.70 -18.18
C GLN B 296 -0.70 30.14 -17.80
C GLN B 296 -0.72 30.01 -17.99
N GLU B 297 -1.42 29.21 -17.20
CA GLU B 297 -2.84 29.46 -16.90
C GLU B 297 -2.99 30.62 -15.91
N GLU B 298 -2.13 30.71 -14.91
CA GLU B 298 -2.32 31.66 -13.81
C GLU B 298 -1.68 33.03 -14.10
N CYS B 299 -0.66 33.05 -14.98
CA CYS B 299 0.16 34.24 -15.25
C CYS B 299 0.16 34.63 -16.70
N PHE B 300 -0.77 34.12 -17.48
CA PHE B 300 -0.82 34.36 -18.91
C PHE B 300 -0.53 35.81 -19.31
N LEU B 301 -1.28 36.75 -18.73
CA LEU B 301 -1.15 38.16 -19.13
C LEU B 301 0.19 38.78 -18.76
N ASN B 302 1.00 38.09 -17.96
CA ASN B 302 2.26 38.65 -17.48
C ASN B 302 3.43 38.12 -18.30
N LEU B 303 3.18 37.10 -19.12
CA LEU B 303 4.30 36.42 -19.78
C LEU B 303 4.87 37.19 -20.94
N GLU B 304 6.16 37.52 -20.83
CA GLU B 304 6.81 38.33 -21.86
C GLU B 304 7.40 37.46 -22.95
N ALA B 305 7.59 36.16 -22.64
CA ALA B 305 8.26 35.24 -23.55
C ALA B 305 7.72 33.88 -23.14
N PRO B 306 7.80 32.88 -24.02
CA PRO B 306 7.33 31.57 -23.69
C PRO B 306 8.13 31.01 -22.53
N ILE B 307 7.46 30.20 -21.72
CA ILE B 307 8.13 29.49 -20.63
C ILE B 307 9.09 28.46 -21.23
N SER B 308 10.32 28.46 -20.72
N SER B 308 10.34 28.48 -20.76
CA SER B 308 11.38 27.60 -21.24
CA SER B 308 11.36 27.57 -21.25
C SER B 308 11.58 26.38 -20.33
C SER B 308 11.46 26.35 -20.33
N ARG B 309 11.73 25.19 -20.93
CA ARG B 309 12.07 23.99 -20.18
C ARG B 309 13.39 23.50 -20.71
N VAL B 310 14.38 23.40 -19.82
CA VAL B 310 15.70 22.90 -20.21
C VAL B 310 15.90 21.62 -19.42
N CYS B 311 15.78 20.50 -20.12
CA CYS B 311 15.68 19.20 -19.44
C CYS B 311 16.60 18.20 -20.09
N GLY B 312 16.70 17.04 -19.48
CA GLY B 312 17.36 15.91 -20.15
C GLY B 312 16.68 15.59 -21.46
N TYR B 313 17.40 14.99 -22.40
CA TYR B 313 16.78 14.58 -23.66
C TYR B 313 15.85 13.41 -23.42
N ASP B 314 15.03 13.15 -24.44
CA ASP B 314 14.05 12.04 -24.34
C ASP B 314 14.72 10.73 -24.76
N THR B 315 15.71 10.33 -23.94
CA THR B 315 16.45 9.07 -24.15
C THR B 315 16.64 8.43 -22.76
N PRO B 316 17.03 7.18 -22.72
CA PRO B 316 17.55 6.67 -21.45
C PRO B 316 18.85 7.38 -21.11
N PHE B 317 19.29 7.19 -19.85
CA PHE B 317 20.42 7.99 -19.38
C PHE B 317 21.73 7.31 -19.72
N PRO B 318 22.56 7.90 -20.57
CA PRO B 318 23.71 7.15 -21.12
C PRO B 318 24.93 7.18 -20.24
N HIS B 319 25.81 6.16 -20.38
CA HIS B 319 27.10 6.13 -19.71
C HIS B 319 28.08 7.14 -20.32
N ILE B 320 28.64 6.85 -21.50
CA ILE B 320 29.77 7.69 -21.93
C ILE B 320 29.33 9.08 -22.34
N PHE B 321 28.06 9.21 -22.66
CA PHE B 321 27.60 10.51 -23.17
C PHE B 321 27.04 11.42 -22.08
N GLU B 322 27.15 11.05 -20.80
CA GLU B 322 26.50 11.86 -19.76
C GLU B 322 26.85 13.39 -19.88
N PRO B 323 28.10 13.78 -20.15
CA PRO B 323 28.36 15.24 -20.19
C PRO B 323 27.53 15.93 -21.23
N PHE B 324 27.12 15.24 -22.27
CA PHE B 324 26.33 15.83 -23.34
C PHE B 324 24.83 15.74 -23.13
N TYR B 325 24.41 14.89 -22.20
CA TYR B 325 23.01 14.64 -21.97
C TYR B 325 22.39 15.63 -20.99
N ILE B 326 23.13 15.99 -19.93
CA ILE B 326 22.54 16.71 -18.83
C ILE B 326 22.25 18.17 -19.18
N PRO B 327 21.22 18.76 -18.57
CA PRO B 327 20.90 20.18 -18.80
C PRO B 327 21.83 21.08 -17.97
N ASP B 328 23.05 21.20 -18.46
CA ASP B 328 24.06 21.89 -17.68
C ASP B 328 23.96 23.40 -17.76
N LYS B 329 24.89 24.09 -17.12
CA LYS B 329 24.74 25.53 -17.03
C LYS B 329 24.82 26.23 -18.37
N TRP B 330 25.55 25.67 -19.34
CA TRP B 330 25.59 26.24 -20.67
C TRP B 330 24.28 26.08 -21.41
N LYS B 331 23.67 24.91 -21.26
CA LYS B 331 22.38 24.72 -21.89
C LYS B 331 21.33 25.62 -21.34
N CYS B 332 21.34 25.76 -20.02
CA CYS B 332 20.39 26.64 -19.34
C CYS B 332 20.67 28.09 -19.66
N TYR B 333 21.95 28.47 -19.66
CA TYR B 333 22.30 29.85 -19.98
C TYR B 333 21.91 30.21 -21.42
N ASP B 334 22.15 29.30 -22.38
CA ASP B 334 21.83 29.63 -23.76
C ASP B 334 20.31 29.77 -23.95
N ALA B 335 19.55 28.94 -23.27
CA ALA B 335 18.10 29.06 -23.33
C ALA B 335 17.61 30.35 -22.68
N LEU B 336 18.24 30.71 -21.58
CA LEU B 336 17.91 31.95 -20.90
C LEU B 336 18.20 33.15 -21.80
N ARG B 337 19.36 33.14 -22.47
CA ARG B 337 19.71 34.24 -23.38
C ARG B 337 18.67 34.37 -24.49
N LYS B 338 18.24 33.26 -25.04
CA LYS B 338 17.21 33.33 -26.12
C LYS B 338 15.90 33.88 -25.59
N MET B 339 15.55 33.47 -24.37
CA MET B 339 14.31 33.91 -23.76
C MET B 339 14.28 35.40 -23.48
N ILE B 340 15.40 35.94 -22.96
CA ILE B 340 15.57 37.37 -22.68
C ILE B 340 15.45 38.13 -23.98
N ASN B 341 15.94 37.54 -25.08
CA ASN B 341 15.92 38.23 -26.37
C ASN B 341 14.68 38.01 -27.23
N TYR B 342 13.68 37.28 -26.73
CA TYR B 342 12.54 36.81 -27.52
C TYR B 342 11.75 37.91 -28.21
K K C . -5.51 -6.38 -2.37
MN MN D . -9.19 -19.39 -7.17
CL CL E . -3.13 12.30 13.18
N1' TPP F . -4.71 -8.66 -11.79
C2' TPP F . -4.60 -8.03 -10.62
CM2 TPP F . -3.29 -7.54 -10.12
N3' TPP F . -5.65 -7.84 -9.82
C4' TPP F . -6.89 -8.24 -10.25
N4' TPP F . -7.92 -7.94 -9.44
C5' TPP F . -7.05 -8.95 -11.46
C6' TPP F . -5.89 -9.11 -12.20
C7' TPP F . -8.43 -9.42 -11.99
N3 TPP F . -8.93 -10.57 -11.26
C2 TPP F . -9.91 -10.28 -10.27
S1 TPP F . -10.24 -11.91 -9.50
C5 TPP F . -9.12 -12.77 -10.51
C4 TPP F . -8.54 -11.87 -11.38
CM4 TPP F . -7.55 -12.26 -12.45
C6 TPP F . -8.91 -14.20 -10.32
C7 TPP F . -8.35 -14.39 -8.88
O7 TPP F . -8.20 -15.79 -8.72
PA TPP F . -7.90 -16.33 -7.24
O1A TPP F . -7.80 -17.83 -7.39
O2A TPP F . -6.81 -15.62 -6.63
O3A TPP F . -9.24 -15.96 -6.45
PB TPP F . -10.70 -16.52 -6.48
O1B TPP F . -11.47 -15.52 -7.34
O2B TPP F . -10.72 -17.89 -7.05
O3B TPP F . -11.19 -16.44 -5.09
K K G . 5.11 10.03 6.14
C1 GOL H . -2.44 23.03 -10.83
O1 GOL H . -2.44 23.23 -12.23
C2 GOL H . -1.75 21.69 -10.51
O2 GOL H . -0.40 21.76 -10.98
C3 GOL H . -1.70 21.49 -9.03
O3 GOL H . -1.10 20.22 -8.73
C1 MPD I . 31.60 6.27 13.78
C2 MPD I . 30.70 7.19 12.95
O2 MPD I . 29.85 6.33 12.15
CM MPD I . 31.68 7.97 12.07
C3 MPD I . 29.74 8.01 13.81
C4 MPD I . 28.62 8.76 13.07
O4 MPD I . 27.70 7.85 12.48
C5 MPD I . 27.84 9.77 13.95
#